data_8SM5
#
_entry.id   8SM5
#
_cell.length_a   186.817
_cell.length_b   186.817
_cell.length_c   70.486
_cell.angle_alpha   90.0
_cell.angle_beta   90.0
_cell.angle_gamma   120.0
#
_symmetry.space_group_name_H-M   'P 65'
#
loop_
_entity.id
_entity.type
_entity.pdbx_description
1 polymer 'Apoptosis regulator BHRF1'
2 polymer 'BID BH3'
3 water water
#
loop_
_entity_poly.entity_id
_entity_poly.type
_entity_poly.pdbx_seq_one_letter_code
_entity_poly.pdbx_strand_id
1 'polypeptide(L)'
;AYSTREILLALCIRDSRVHGNGTLHPVLELAARETPLRLSPEDTVVLRYHVLLEEIIERNSETFTETWNRFITHTEHVDL
DFNSVFLEIFHRGDPSLGRALAWMAWCMHACRTLCCNQSTPYYVVDLSVRGMLEASEGLDGWIHQQGGWSTLIEDN
;
A,C,E,G,I
2 'polypeptide(L)' DIIRNIARHLAQVGDSMD B,D,F,H,J
#
# COMPACT_ATOMS: atom_id res chain seq x y z
N ALA A 1 -21.77 -26.73 15.35
CA ALA A 1 -21.41 -25.77 16.40
C ALA A 1 -21.24 -24.37 15.82
N TYR A 2 -20.99 -23.40 16.70
CA TYR A 2 -20.82 -22.01 16.30
C TYR A 2 -19.39 -21.59 16.49
N SER A 3 -18.82 -21.03 15.45
CA SER A 3 -17.50 -20.50 15.58
C SER A 3 -17.52 -19.24 16.47
N THR A 4 -16.38 -18.89 17.06
CA THR A 4 -16.26 -17.67 17.84
C THR A 4 -16.51 -16.42 17.00
N ARG A 5 -16.06 -16.47 15.73
CA ARG A 5 -16.32 -15.42 14.74
C ARG A 5 -17.82 -15.21 14.60
N GLU A 6 -18.56 -16.27 14.37
CA GLU A 6 -19.99 -16.10 14.29
C GLU A 6 -20.61 -15.49 15.55
N ILE A 7 -20.21 -15.98 16.71
CA ILE A 7 -20.91 -15.58 17.88
C ILE A 7 -20.55 -14.15 18.23
N LEU A 8 -19.29 -13.77 18.05
CA LEU A 8 -18.92 -12.40 18.40
C LEU A 8 -19.59 -11.38 17.47
N LEU A 9 -19.68 -11.73 16.18
CA LEU A 9 -20.32 -10.88 15.18
C LEU A 9 -21.80 -10.76 15.48
N ALA A 10 -22.44 -11.88 15.81
CA ALA A 10 -23.85 -11.88 16.20
C ALA A 10 -24.04 -10.97 17.41
N LEU A 11 -23.09 -11.03 18.33
CA LEU A 11 -23.16 -10.21 19.52
C LEU A 11 -23.06 -8.73 19.20
N CYS A 12 -22.17 -8.37 18.28
CA CYS A 12 -21.99 -6.95 17.93
C CYS A 12 -23.24 -6.42 17.24
N ILE A 13 -23.83 -7.27 16.40
CA ILE A 13 -25.05 -6.87 15.73
C ILE A 13 -26.17 -6.78 16.76
N ARG A 14 -26.32 -7.80 17.58
CA ARG A 14 -27.34 -7.78 18.61
C ARG A 14 -27.23 -6.51 19.43
N ASP A 15 -26.00 -6.21 19.85
CA ASP A 15 -25.73 -5.06 20.69
C ASP A 15 -26.06 -3.76 19.98
N SER A 16 -25.75 -3.71 18.69
CA SER A 16 -26.13 -2.59 17.85
C SER A 16 -27.63 -2.36 17.90
N ARG A 17 -28.43 -3.43 17.84
CA ARG A 17 -29.88 -3.27 17.77
C ARG A 17 -30.50 -2.79 19.09
N VAL A 18 -29.82 -3.00 20.22
CA VAL A 18 -30.34 -2.53 21.50
C VAL A 18 -29.61 -1.28 22.01
N HIS A 19 -28.85 -0.61 21.14
CA HIS A 19 -28.19 0.67 21.49
C HIS A 19 -28.51 1.76 20.47
N GLY A 20 -28.11 2.99 20.78
CA GLY A 20 -28.22 4.10 19.86
C GLY A 20 -29.58 4.22 19.20
N ASN A 21 -29.58 4.36 17.88
CA ASN A 21 -30.83 4.40 17.13
C ASN A 21 -31.15 3.04 16.51
N GLY A 22 -30.41 2.03 16.96
CA GLY A 22 -30.62 0.66 16.51
C GLY A 22 -30.07 0.32 15.13
N THR A 23 -29.68 1.32 14.36
CA THR A 23 -29.21 1.08 13.00
C THR A 23 -27.88 0.29 12.97
N LEU A 24 -27.52 -0.25 11.81
CA LEU A 24 -26.35 -1.13 11.74
C LEU A 24 -25.26 -0.59 10.83
N HIS A 25 -24.06 -0.48 11.39
CA HIS A 25 -22.94 0.02 10.62
C HIS A 25 -22.73 -0.82 9.38
N PRO A 26 -22.55 -0.17 8.24
CA PRO A 26 -22.28 -0.89 7.00
C PRO A 26 -21.16 -1.92 7.12
N VAL A 27 -20.09 -1.62 7.85
CA VAL A 27 -18.98 -2.56 7.98
C VAL A 27 -19.47 -3.87 8.60
N LEU A 28 -20.33 -3.77 9.61
CA LEU A 28 -20.91 -4.94 10.26
C LEU A 28 -21.85 -5.73 9.39
N GLU A 29 -22.71 -5.03 8.66
CA GLU A 29 -23.68 -5.69 7.82
C GLU A 29 -22.94 -6.43 6.71
N LEU A 30 -21.96 -5.77 6.10
CA LEU A 30 -21.13 -6.46 5.12
C LEU A 30 -20.41 -7.66 5.75
N ALA A 31 -19.98 -7.56 7.02
CA ALA A 31 -19.32 -8.69 7.65
C ALA A 31 -20.31 -9.86 7.75
N ALA A 32 -21.57 -9.58 8.08
CA ALA A 32 -22.58 -10.64 8.17
C ALA A 32 -22.82 -11.32 6.82
N ARG A 33 -22.58 -10.63 5.72
CA ARG A 33 -22.73 -11.20 4.40
C ARG A 33 -21.53 -12.07 4.00
N GLU A 34 -20.34 -11.66 4.45
CA GLU A 34 -19.10 -12.25 3.97
C GLU A 34 -18.57 -13.42 4.79
N THR A 35 -19.02 -13.53 6.04
CA THR A 35 -18.50 -14.56 6.95
C THR A 35 -18.87 -15.99 6.51
N PRO A 36 -20.15 -16.27 6.18
CA PRO A 36 -21.41 -15.51 6.33
C PRO A 36 -22.05 -15.85 7.66
N LEU A 37 -22.57 -14.84 8.38
CA LEU A 37 -23.28 -15.09 9.62
C LEU A 37 -24.49 -16.00 9.41
N ARG A 38 -24.50 -17.17 10.02
CA ARG A 38 -25.67 -18.04 9.90
C ARG A 38 -26.43 -18.03 11.21
N LEU A 39 -25.73 -17.69 12.28
CA LEU A 39 -26.32 -17.58 13.60
C LEU A 39 -27.11 -16.28 13.72
N SER A 40 -28.39 -16.38 14.06
CA SER A 40 -29.20 -15.18 14.29
C SER A 40 -28.76 -14.38 15.52
N PRO A 41 -28.65 -13.05 15.38
CA PRO A 41 -28.38 -12.24 16.59
C PRO A 41 -29.54 -12.18 17.61
N GLU A 42 -30.69 -12.77 17.29
CA GLU A 42 -31.81 -12.91 18.21
C GLU A 42 -31.84 -14.34 18.76
N ASP A 43 -30.83 -15.12 18.42
CA ASP A 43 -30.72 -16.48 18.92
C ASP A 43 -30.52 -16.44 20.46
N THR A 44 -31.27 -17.29 21.16
CA THR A 44 -31.20 -17.38 22.62
C THR A 44 -29.78 -17.40 23.16
N VAL A 45 -28.90 -18.13 22.47
CA VAL A 45 -27.53 -18.21 22.94
C VAL A 45 -26.88 -16.80 22.86
N VAL A 46 -27.29 -16.00 21.89
CA VAL A 46 -26.77 -14.63 21.73
C VAL A 46 -27.38 -13.68 22.76
N LEU A 47 -28.66 -13.87 23.01
CA LEU A 47 -29.34 -13.16 24.05
C LEU A 47 -28.64 -13.38 25.39
N ARG A 48 -28.33 -14.63 25.76
CA ARG A 48 -27.64 -14.85 27.04
C ARG A 48 -26.29 -14.15 27.09
N TYR A 49 -25.46 -14.42 26.09
CA TYR A 49 -24.12 -13.87 26.13
C TYR A 49 -24.14 -12.38 26.12
N HIS A 50 -25.12 -11.79 25.44
CA HIS A 50 -25.14 -10.33 25.35
C HIS A 50 -25.40 -9.70 26.72
N VAL A 51 -26.35 -10.27 27.48
CA VAL A 51 -26.62 -9.80 28.82
C VAL A 51 -25.35 -9.99 29.71
N LEU A 52 -24.72 -11.16 29.63
CA LEU A 52 -23.52 -11.44 30.42
C LEU A 52 -22.38 -10.51 30.10
N LEU A 53 -22.08 -10.35 28.81
CA LEU A 53 -20.96 -9.51 28.40
C LEU A 53 -21.23 -8.04 28.81
N GLU A 54 -22.47 -7.59 28.77
CA GLU A 54 -22.75 -6.22 29.16
C GLU A 54 -22.55 -6.03 30.68
N GLU A 55 -22.92 -7.05 31.45
CA GLU A 55 -22.64 -7.04 32.87
C GLU A 55 -21.14 -6.98 33.16
N ILE A 56 -20.33 -7.73 32.41
CA ILE A 56 -18.88 -7.69 32.59
C ILE A 56 -18.34 -6.32 32.22
N ILE A 57 -18.84 -5.76 31.12
CA ILE A 57 -18.47 -4.41 30.73
C ILE A 57 -18.78 -3.39 31.82
N GLU A 58 -19.99 -3.43 32.39
CA GLU A 58 -20.38 -2.50 33.45
C GLU A 58 -19.48 -2.61 34.67
N ARG A 59 -19.22 -3.84 35.11
CA ARG A 59 -18.40 -4.11 36.28
C ARG A 59 -16.97 -3.63 36.07
N ASN A 60 -16.56 -3.54 34.83
CA ASN A 60 -15.21 -3.18 34.51
C ASN A 60 -15.14 -1.95 33.59
N SER A 61 -16.10 -1.05 33.72
CA SER A 61 -16.27 0.03 32.75
C SER A 61 -15.09 0.99 32.70
N GLU A 62 -14.53 1.34 33.85
CA GLU A 62 -13.44 2.29 33.86
C GLU A 62 -12.22 1.66 33.19
N THR A 63 -11.96 0.41 33.55
CA THR A 63 -10.89 -0.37 32.95
C THR A 63 -11.07 -0.48 31.42
N PHE A 64 -12.28 -0.86 30.98
CA PHE A 64 -12.53 -1.03 29.54
C PHE A 64 -12.43 0.30 28.79
N THR A 65 -12.92 1.37 29.41
CA THR A 65 -12.81 2.69 28.81
C THR A 65 -11.36 3.18 28.66
N GLU A 66 -10.56 3.06 29.71
CA GLU A 66 -9.18 3.52 29.66
C GLU A 66 -8.33 2.64 28.72
N THR A 67 -8.47 1.33 28.81
CA THR A 67 -7.69 0.46 27.94
C THR A 67 -8.08 0.63 26.47
N TRP A 68 -9.37 0.73 26.16
CA TRP A 68 -9.75 0.89 24.75
C TRP A 68 -9.27 2.23 24.20
N ASN A 69 -9.44 3.28 24.98
CA ASN A 69 -9.06 4.60 24.51
C ASN A 69 -7.60 4.70 24.25
N ARG A 70 -6.82 4.03 25.08
CA ARG A 70 -5.37 4.03 24.96
C ARG A 70 -4.96 3.22 23.74
N PHE A 71 -5.64 2.11 23.54
CA PHE A 71 -5.40 1.20 22.45
C PHE A 71 -5.66 1.89 21.11
N ILE A 72 -6.84 2.47 20.95
CA ILE A 72 -7.24 2.99 19.65
C ILE A 72 -6.53 4.29 19.34
N THR A 73 -6.08 5.02 20.35
CA THR A 73 -5.42 6.30 20.10
C THR A 73 -3.91 6.17 19.83
N HIS A 74 -3.34 5.01 20.12
CA HIS A 74 -1.90 4.84 19.93
C HIS A 74 -1.59 3.77 18.88
N THR A 75 -2.62 3.08 18.40
CA THR A 75 -2.39 2.06 17.39
C THR A 75 -2.10 2.68 16.01
N GLU A 76 -1.31 1.98 15.21
CA GLU A 76 -0.99 2.38 13.84
C GLU A 76 -1.41 1.26 12.91
N HIS A 77 -2.00 0.21 13.50
CA HIS A 77 -2.55 -0.91 12.75
C HIS A 77 -3.40 -1.72 13.68
N VAL A 78 -4.65 -1.27 13.80
CA VAL A 78 -5.55 -1.73 14.84
C VAL A 78 -5.88 -3.20 14.64
N ASP A 79 -5.92 -3.66 13.38
CA ASP A 79 -6.20 -5.07 13.13
C ASP A 79 -5.06 -5.93 13.65
N LEU A 80 -3.82 -5.49 13.42
CA LEU A 80 -2.69 -6.26 13.88
C LEU A 80 -2.63 -6.27 15.40
N ASP A 81 -2.95 -5.14 16.02
CA ASP A 81 -2.86 -5.07 17.48
C ASP A 81 -3.95 -5.89 18.15
N PHE A 82 -5.12 -6.05 17.52
CA PHE A 82 -6.11 -6.95 18.08
C PHE A 82 -5.51 -8.34 18.21
N ASN A 83 -4.81 -8.77 17.17
CA ASN A 83 -4.18 -10.06 17.17
C ASN A 83 -3.05 -10.11 18.20
N SER A 84 -2.32 -9.01 18.37
CA SER A 84 -1.21 -8.96 19.32
C SER A 84 -1.71 -9.11 20.77
N VAL A 85 -2.74 -8.37 21.12
CA VAL A 85 -3.31 -8.43 22.46
C VAL A 85 -3.84 -9.82 22.80
N PHE A 86 -4.59 -10.38 21.87
CA PHE A 86 -5.15 -11.73 22.01
C PHE A 86 -4.05 -12.73 22.36
N LEU A 87 -2.96 -12.60 21.63
CA LEU A 87 -1.80 -13.45 21.73
C LEU A 87 -1.22 -13.49 23.17
N GLU A 88 -1.11 -12.31 23.77
CA GLU A 88 -0.59 -12.17 25.11
C GLU A 88 -1.44 -12.92 26.10
N ILE A 89 -2.74 -12.81 25.93
CA ILE A 89 -3.69 -13.39 26.84
C ILE A 89 -3.82 -14.90 26.68
N PHE A 90 -3.82 -15.37 25.45
CA PHE A 90 -4.26 -16.73 25.19
C PHE A 90 -3.21 -17.67 24.65
N HIS A 91 -2.10 -17.15 24.13
CA HIS A 91 -1.02 -18.03 23.69
C HIS A 91 0.13 -17.98 24.68
N ARG A 92 0.43 -16.80 25.21
CA ARG A 92 1.49 -16.66 26.21
C ARG A 92 0.90 -16.76 27.61
N GLY A 93 -0.35 -17.22 27.64
CA GLY A 93 -1.04 -17.50 28.87
C GLY A 93 -2.02 -18.60 28.54
N ASP A 94 -2.54 -19.27 29.55
CA ASP A 94 -3.50 -20.34 29.30
C ASP A 94 -4.90 -19.74 29.16
N PRO A 95 -5.71 -20.28 28.23
CA PRO A 95 -7.10 -19.84 28.12
C PRO A 95 -7.98 -20.38 29.25
N SER A 96 -8.89 -19.54 29.74
CA SER A 96 -9.91 -19.93 30.70
C SER A 96 -11.24 -19.25 30.38
N LEU A 97 -12.29 -19.69 31.06
CA LEU A 97 -13.63 -19.15 30.85
C LEU A 97 -13.61 -17.66 31.12
N GLY A 98 -13.05 -17.31 32.26
CA GLY A 98 -12.78 -15.95 32.67
C GLY A 98 -12.10 -15.13 31.59
N ARG A 99 -10.94 -15.60 31.16
CA ARG A 99 -10.23 -14.87 30.13
C ARG A 99 -11.02 -14.74 28.83
N ALA A 100 -11.63 -15.83 28.38
CA ALA A 100 -12.48 -15.79 27.17
C ALA A 100 -13.59 -14.73 27.29
N LEU A 101 -14.34 -14.77 28.40
CA LEU A 101 -15.44 -13.82 28.59
C LEU A 101 -14.92 -12.38 28.60
N ALA A 102 -13.81 -12.13 29.29
CA ALA A 102 -13.24 -10.79 29.31
C ALA A 102 -12.88 -10.32 27.90
N TRP A 103 -12.28 -11.22 27.12
CA TRP A 103 -11.88 -10.88 25.76
C TRP A 103 -13.10 -10.53 24.91
N MET A 104 -14.12 -11.40 24.92
CA MET A 104 -15.36 -11.17 24.16
C MET A 104 -16.01 -9.85 24.57
N ALA A 105 -16.15 -9.63 25.88
CA ALA A 105 -16.74 -8.40 26.40
C ALA A 105 -15.96 -7.19 25.94
N TRP A 106 -14.65 -7.30 25.99
CA TRP A 106 -13.81 -6.18 25.58
C TRP A 106 -13.99 -5.87 24.09
N CYS A 107 -14.14 -6.91 23.27
CA CYS A 107 -14.33 -6.72 21.84
C CYS A 107 -15.69 -6.10 21.55
N MET A 108 -16.72 -6.59 22.22
CA MET A 108 -18.04 -6.02 22.09
C MET A 108 -18.05 -4.55 22.51
N HIS A 109 -17.37 -4.22 23.61
CA HIS A 109 -17.28 -2.82 24.03
C HIS A 109 -16.54 -1.98 23.00
N ALA A 110 -15.56 -2.60 22.35
CA ALA A 110 -14.78 -1.92 21.33
C ALA A 110 -15.69 -1.54 20.17
N CYS A 111 -16.46 -2.52 19.71
CA CYS A 111 -17.33 -2.33 18.57
C CYS A 111 -18.46 -1.30 18.87
N ARG A 112 -19.02 -1.33 20.06
CA ARG A 112 -20.00 -0.33 20.47
C ARG A 112 -19.41 1.08 20.44
N THR A 113 -18.23 1.26 21.01
CA THR A 113 -17.65 2.60 21.10
C THR A 113 -17.33 3.16 19.73
N LEU A 114 -16.85 2.30 18.84
CA LEU A 114 -16.50 2.75 17.50
C LEU A 114 -17.73 3.17 16.74
N CYS A 115 -18.69 2.26 16.65
CA CYS A 115 -19.91 2.44 15.87
C CYS A 115 -20.97 3.39 16.46
N CYS A 116 -20.85 3.78 17.72
CA CYS A 116 -21.84 4.69 18.29
C CYS A 116 -21.37 6.12 18.11
N ASN A 117 -20.17 6.24 17.59
CA ASN A 117 -19.62 7.54 17.29
C ASN A 117 -19.55 7.80 15.79
N GLN A 118 -20.44 8.66 15.30
CA GLN A 118 -20.57 8.86 13.85
C GLN A 118 -19.36 9.51 13.21
N SER A 119 -18.46 10.07 14.00
CA SER A 119 -17.27 10.69 13.45
C SER A 119 -16.14 9.67 13.23
N THR A 120 -16.35 8.41 13.63
CA THR A 120 -15.36 7.34 13.43
C THR A 120 -15.22 6.96 11.96
N PRO A 121 -14.03 7.14 11.37
CA PRO A 121 -13.80 6.75 9.97
C PRO A 121 -14.16 5.30 9.70
N TYR A 122 -14.73 5.03 8.53
CA TYR A 122 -15.08 3.67 8.19
C TYR A 122 -13.89 2.72 8.22
N TYR A 123 -12.72 3.19 7.77
CA TYR A 123 -11.61 2.25 7.64
C TYR A 123 -11.22 1.77 9.03
N VAL A 124 -11.40 2.63 10.03
CA VAL A 124 -11.11 2.22 11.39
C VAL A 124 -12.11 1.14 11.86
N VAL A 125 -13.40 1.35 11.61
CA VAL A 125 -14.40 0.33 11.95
C VAL A 125 -14.08 -0.94 11.17
N ASP A 126 -13.76 -0.77 9.89
CA ASP A 126 -13.39 -1.86 8.99
C ASP A 126 -12.20 -2.71 9.55
N LEU A 127 -11.09 -2.05 9.89
CA LEU A 127 -9.93 -2.76 10.40
C LEU A 127 -10.18 -3.34 11.80
N SER A 128 -10.93 -2.63 12.64
CA SER A 128 -11.23 -3.12 13.97
C SER A 128 -12.11 -4.38 13.98
N VAL A 129 -13.11 -4.43 13.11
CA VAL A 129 -13.99 -5.58 13.04
C VAL A 129 -13.22 -6.74 12.41
N ARG A 130 -12.38 -6.42 11.44
CA ARG A 130 -11.54 -7.44 10.83
C ARG A 130 -10.60 -8.04 11.86
N GLY A 131 -9.88 -7.17 12.57
CA GLY A 131 -8.97 -7.59 13.62
C GLY A 131 -9.60 -8.41 14.74
N MET A 132 -10.67 -7.92 15.32
CA MET A 132 -11.20 -8.62 16.48
C MET A 132 -11.75 -9.95 16.02
N LEU A 133 -12.31 -10.00 14.81
CA LEU A 133 -12.89 -11.28 14.35
C LEU A 133 -11.79 -12.31 14.02
N GLU A 134 -10.66 -11.93 13.41
CA GLU A 134 -9.67 -12.97 13.15
C GLU A 134 -8.96 -13.39 14.44
N ALA A 135 -8.62 -12.44 15.29
CA ALA A 135 -7.94 -12.80 16.54
C ALA A 135 -8.80 -13.79 17.31
N SER A 136 -10.11 -13.61 17.25
CA SER A 136 -11.01 -14.39 18.09
C SER A 136 -11.16 -15.84 17.61
N GLU A 137 -10.71 -16.12 16.40
CA GLU A 137 -10.73 -17.50 15.91
C GLU A 137 -9.88 -18.39 16.78
N GLY A 138 -8.85 -17.82 17.40
CA GLY A 138 -7.96 -18.52 18.30
C GLY A 138 -8.58 -19.23 19.49
N LEU A 139 -9.81 -18.85 19.85
CA LEU A 139 -10.50 -19.49 20.98
C LEU A 139 -11.20 -20.76 20.57
N ASP A 140 -11.30 -20.98 19.26
CA ASP A 140 -12.15 -22.05 18.75
C ASP A 140 -11.72 -23.41 19.29
N GLY A 141 -10.42 -23.68 19.20
CA GLY A 141 -9.87 -24.91 19.71
C GLY A 141 -10.11 -25.08 21.19
N TRP A 142 -9.84 -24.03 21.96
CA TRP A 142 -10.07 -24.18 23.39
C TRP A 142 -11.55 -24.38 23.72
N ILE A 143 -12.44 -23.51 23.24
CA ILE A 143 -13.85 -23.63 23.64
C ILE A 143 -14.43 -24.93 23.09
N HIS A 144 -13.92 -25.40 21.97
CA HIS A 144 -14.34 -26.72 21.51
C HIS A 144 -13.94 -27.80 22.52
N GLN A 145 -12.76 -27.69 23.12
CA GLN A 145 -12.35 -28.63 24.15
C GLN A 145 -13.33 -28.56 25.32
N GLN A 146 -13.95 -27.41 25.49
CA GLN A 146 -14.84 -27.17 26.60
C GLN A 146 -16.30 -27.51 26.27
N GLY A 147 -16.58 -27.87 25.02
CA GLY A 147 -17.92 -28.29 24.64
C GLY A 147 -18.74 -27.29 23.86
N GLY A 148 -18.14 -26.16 23.49
CA GLY A 148 -18.84 -25.18 22.69
C GLY A 148 -19.35 -23.97 23.45
N TRP A 149 -19.65 -22.91 22.72
CA TRP A 149 -20.14 -21.68 23.31
C TRP A 149 -21.48 -21.85 23.99
N SER A 150 -22.36 -22.62 23.37
CA SER A 150 -23.68 -22.91 23.92
C SER A 150 -23.62 -23.63 25.26
N THR A 151 -22.70 -24.57 25.38
CA THR A 151 -22.55 -25.33 26.63
C THR A 151 -21.92 -24.51 27.77
N LEU A 152 -21.02 -23.58 27.43
CA LEU A 152 -20.25 -22.90 28.48
C LEU A 152 -21.10 -22.09 29.45
N ILE A 153 -22.18 -21.48 28.97
CA ILE A 153 -22.94 -20.54 29.79
C ILE A 153 -24.24 -21.13 30.35
N GLU A 154 -24.82 -22.08 29.63
CA GLU A 154 -26.16 -22.58 29.90
C GLU A 154 -26.26 -23.61 31.03
N ASP A 155 -25.34 -24.57 31.03
CA ASP A 155 -25.45 -25.71 31.94
C ASP A 155 -25.24 -25.26 33.36
N ASN A 156 -24.19 -24.46 33.55
CA ASN A 156 -23.72 -24.09 34.87
C ASN A 156 -24.01 -22.63 35.22
N ASP B 1 4.90 -0.22 26.13
CA ASP B 1 4.32 -1.39 26.79
C ASP B 1 2.79 -1.41 26.76
N ILE B 2 2.19 -0.51 25.96
CA ILE B 2 0.73 -0.40 25.86
C ILE B 2 -0.03 -1.70 25.57
N ILE B 3 0.34 -2.40 24.51
CA ILE B 3 -0.26 -3.69 24.24
C ILE B 3 -0.04 -4.73 25.34
N ARG B 4 1.14 -4.75 25.92
CA ARG B 4 1.41 -5.74 26.95
C ARG B 4 0.53 -5.42 28.16
N ASN B 5 0.49 -4.16 28.54
CA ASN B 5 -0.30 -3.73 29.69
C ASN B 5 -1.80 -3.95 29.50
N ILE B 6 -2.34 -3.50 28.37
CA ILE B 6 -3.75 -3.73 28.05
C ILE B 6 -4.06 -5.22 28.20
N ALA B 7 -3.17 -6.06 27.65
CA ALA B 7 -3.40 -7.48 27.76
C ALA B 7 -3.36 -7.94 29.20
N ARG B 8 -2.62 -7.20 30.04
CA ARG B 8 -2.49 -7.63 31.44
C ARG B 8 -3.77 -7.28 32.20
N HIS B 9 -4.28 -6.05 32.01
CA HIS B 9 -5.58 -5.70 32.57
C HIS B 9 -6.66 -6.71 32.23
N LEU B 10 -6.75 -7.10 30.95
CA LEU B 10 -7.77 -8.05 30.51
C LEU B 10 -7.51 -9.43 31.11
N ALA B 11 -6.23 -9.78 31.28
CA ALA B 11 -5.91 -11.04 31.95
C ALA B 11 -6.40 -11.01 33.40
N GLN B 12 -6.23 -9.86 34.06
CA GLN B 12 -6.67 -9.68 35.44
C GLN B 12 -8.20 -9.76 35.59
N VAL B 13 -8.92 -9.22 34.62
CA VAL B 13 -10.37 -9.17 34.73
C VAL B 13 -10.84 -10.59 34.48
N GLY B 14 -10.19 -11.24 33.52
CA GLY B 14 -10.50 -12.62 33.25
C GLY B 14 -10.26 -13.46 34.49
N ASP B 15 -9.16 -13.18 35.20
CA ASP B 15 -8.76 -14.00 36.34
C ASP B 15 -9.64 -13.71 37.56
N SER B 16 -10.04 -12.46 37.74
CA SER B 16 -10.90 -12.11 38.86
C SER B 16 -12.27 -12.76 38.76
N MET B 17 -12.59 -13.36 37.61
CA MET B 17 -13.89 -13.97 37.41
C MET B 17 -13.82 -15.46 37.66
N ASP B 18 -12.63 -16.00 37.81
CA ASP B 18 -12.47 -17.43 38.03
C ASP B 18 -12.62 -17.80 39.51
N ALA C 1 -23.79 -8.13 -15.66
CA ALA C 1 -25.24 -8.06 -15.87
C ALA C 1 -25.79 -6.75 -15.30
N TYR C 2 -24.91 -5.94 -14.70
CA TYR C 2 -25.30 -4.65 -14.14
C TYR C 2 -24.60 -3.54 -14.92
N SER C 3 -25.37 -2.55 -15.37
CA SER C 3 -24.82 -1.33 -15.97
C SER C 3 -24.18 -0.42 -14.92
N THR C 4 -23.26 0.46 -15.34
CA THR C 4 -22.68 1.41 -14.39
C THR C 4 -23.74 2.33 -13.84
N ARG C 5 -24.68 2.71 -14.70
CA ARG C 5 -25.83 3.49 -14.31
C ARG C 5 -26.56 2.82 -13.15
N GLU C 6 -26.87 1.53 -13.28
CA GLU C 6 -27.52 0.78 -12.19
C GLU C 6 -26.74 0.70 -10.88
N ILE C 7 -25.46 0.41 -10.93
CA ILE C 7 -24.73 0.23 -9.69
C ILE C 7 -24.56 1.59 -9.00
N LEU C 8 -24.35 2.64 -9.78
CA LEU C 8 -24.21 3.97 -9.20
C LEU C 8 -25.52 4.41 -8.57
N LEU C 9 -26.64 4.09 -9.21
CA LEU C 9 -27.95 4.46 -8.66
C LEU C 9 -28.19 3.65 -7.40
N ALA C 10 -27.88 2.35 -7.46
CA ALA C 10 -27.97 1.48 -6.30
C ALA C 10 -27.11 2.01 -5.14
N LEU C 11 -25.89 2.48 -5.43
CA LEU C 11 -25.00 3.05 -4.42
C LEU C 11 -25.56 4.30 -3.75
N CYS C 12 -26.17 5.15 -4.55
CA CYS C 12 -26.83 6.35 -4.07
C CYS C 12 -28.04 6.06 -3.20
N ILE C 13 -28.80 5.03 -3.54
CA ILE C 13 -29.96 4.65 -2.74
C ILE C 13 -29.46 4.05 -1.42
N ARG C 14 -28.51 3.13 -1.54
CA ARG C 14 -27.89 2.52 -0.38
C ARG C 14 -27.37 3.59 0.57
N ASP C 15 -26.67 4.58 0.03
CA ASP C 15 -26.10 5.62 0.84
C ASP C 15 -27.17 6.48 1.51
N SER C 16 -28.28 6.74 0.80
CA SER C 16 -29.42 7.41 1.41
C SER C 16 -29.92 6.64 2.62
N ARG C 17 -29.99 5.32 2.50
CA ARG C 17 -30.57 4.52 3.58
C ARG C 17 -29.73 4.50 4.87
N VAL C 18 -28.42 4.73 4.78
CA VAL C 18 -27.58 4.75 5.99
C VAL C 18 -27.24 6.16 6.41
N HIS C 19 -27.93 7.15 5.85
CA HIS C 19 -27.80 8.54 6.26
C HIS C 19 -29.17 9.15 6.62
N GLY C 20 -29.15 10.29 7.31
CA GLY C 20 -30.36 11.03 7.65
C GLY C 20 -31.45 10.19 8.29
N ASN C 21 -32.68 10.32 7.79
CA ASN C 21 -33.78 9.54 8.33
C ASN C 21 -34.04 8.29 7.49
N GLY C 22 -33.10 7.98 6.61
CA GLY C 22 -33.19 6.79 5.77
C GLY C 22 -34.15 6.91 4.61
N THR C 23 -34.95 7.97 4.60
CA THR C 23 -35.90 8.16 3.52
C THR C 23 -35.18 8.44 2.21
N LEU C 24 -35.91 8.36 1.11
CA LEU C 24 -35.29 8.47 -0.19
C LEU C 24 -35.89 9.65 -0.97
N HIS C 25 -35.01 10.48 -1.54
CA HIS C 25 -35.47 11.58 -2.37
C HIS C 25 -36.31 11.08 -3.53
N PRO C 26 -37.48 11.72 -3.78
CA PRO C 26 -38.34 11.37 -4.91
C PRO C 26 -37.56 11.23 -6.22
N VAL C 27 -36.58 12.09 -6.44
CA VAL C 27 -35.78 12.03 -7.65
C VAL C 27 -35.11 10.64 -7.80
N LEU C 28 -34.54 10.11 -6.71
CA LEU C 28 -33.92 8.77 -6.72
C LEU C 28 -34.93 7.60 -6.86
N GLU C 29 -36.05 7.74 -6.16
CA GLU C 29 -37.11 6.77 -6.20
C GLU C 29 -37.67 6.69 -7.62
N LEU C 30 -37.90 7.86 -8.22
CA LEU C 30 -38.33 7.92 -9.59
C LEU C 30 -37.27 7.39 -10.54
N ALA C 31 -36.01 7.65 -10.25
CA ALA C 31 -34.97 7.15 -11.15
C ALA C 31 -34.90 5.63 -11.17
N ALA C 32 -35.04 4.99 -10.00
CA ALA C 32 -35.00 3.52 -9.93
C ALA C 32 -36.20 2.91 -10.66
N ARG C 33 -37.28 3.66 -10.71
CA ARG C 33 -38.49 3.16 -11.35
C ARG C 33 -38.32 3.22 -12.87
N GLU C 34 -37.64 4.24 -13.34
CA GLU C 34 -37.53 4.58 -14.76
C GLU C 34 -36.32 3.98 -15.48
N THR C 35 -35.33 3.51 -14.73
CA THR C 35 -34.10 3.04 -15.35
C THR C 35 -34.23 1.74 -16.19
N PRO C 36 -34.89 0.69 -15.68
CA PRO C 36 -35.37 0.42 -14.32
C PRO C 36 -34.28 -0.26 -13.51
N LEU C 37 -34.05 0.19 -12.28
CA LEU C 37 -33.07 -0.44 -11.39
C LEU C 37 -33.41 -1.89 -11.10
N ARG C 38 -32.52 -2.81 -11.50
CA ARG C 38 -32.71 -4.25 -11.29
C ARG C 38 -31.79 -4.77 -10.19
N LEU C 39 -30.65 -4.12 -10.05
CA LEU C 39 -29.69 -4.44 -9.02
C LEU C 39 -30.14 -3.86 -7.68
N SER C 40 -30.32 -4.72 -6.70
CA SER C 40 -30.81 -4.28 -5.39
C SER C 40 -29.77 -3.44 -4.67
N PRO C 41 -30.23 -2.34 -4.08
CA PRO C 41 -29.29 -1.53 -3.29
C PRO C 41 -28.82 -2.25 -2.04
N GLU C 42 -29.43 -3.41 -1.78
CA GLU C 42 -29.04 -4.26 -0.66
C GLU C 42 -28.20 -5.45 -1.10
N ASP C 43 -27.83 -5.49 -2.37
CA ASP C 43 -26.96 -6.55 -2.87
C ASP C 43 -25.58 -6.47 -2.24
N THR C 44 -25.04 -7.62 -1.85
CA THR C 44 -23.70 -7.63 -1.30
C THR C 44 -22.68 -6.80 -2.10
N VAL C 45 -22.73 -6.86 -3.43
CA VAL C 45 -21.79 -6.11 -4.24
C VAL C 45 -22.00 -4.60 -4.04
N VAL C 46 -23.23 -4.17 -3.76
CA VAL C 46 -23.42 -2.76 -3.50
C VAL C 46 -22.94 -2.39 -2.08
N LEU C 47 -23.19 -3.27 -1.11
CA LEU C 47 -22.71 -3.09 0.27
C LEU C 47 -21.20 -2.90 0.26
N ARG C 48 -20.52 -3.78 -0.46
CA ARG C 48 -19.07 -3.77 -0.56
C ARG C 48 -18.58 -2.46 -1.19
N TYR C 49 -19.11 -2.10 -2.37
CA TYR C 49 -18.71 -0.86 -3.04
C TYR C 49 -19.03 0.36 -2.19
N HIS C 50 -20.11 0.30 -1.42
CA HIS C 50 -20.46 1.46 -0.62
C HIS C 50 -19.43 1.75 0.46
N VAL C 51 -18.96 0.70 1.16
CA VAL C 51 -17.90 0.82 2.18
C VAL C 51 -16.62 1.34 1.54
N LEU C 52 -16.27 0.78 0.39
CA LEU C 52 -15.07 1.20 -0.30
C LEU C 52 -15.11 2.68 -0.75
N LEU C 53 -16.20 3.10 -1.40
CA LEU C 53 -16.31 4.48 -1.89
C LEU C 53 -16.34 5.48 -0.74
N GLU C 54 -16.95 5.12 0.40
CA GLU C 54 -16.98 6.00 1.55
C GLU C 54 -15.58 6.17 2.16
N GLU C 55 -14.79 5.10 2.16
CA GLU C 55 -13.41 5.21 2.61
C GLU C 55 -12.64 6.14 1.67
N ILE C 56 -12.90 6.03 0.37
CA ILE C 56 -12.28 6.96 -0.57
C ILE C 56 -12.73 8.39 -0.31
N ILE C 57 -14.02 8.57 -0.06
CA ILE C 57 -14.50 9.90 0.33
C ILE C 57 -13.81 10.45 1.61
N GLU C 58 -13.69 9.66 2.66
CA GLU C 58 -13.00 10.07 3.89
C GLU C 58 -11.51 10.46 3.68
N ARG C 59 -10.76 9.67 2.91
CA ARG C 59 -9.35 9.95 2.64
C ARG C 59 -9.22 11.29 1.92
N ASN C 60 -10.27 11.68 1.23
CA ASN C 60 -10.23 12.85 0.39
C ASN C 60 -11.33 13.85 0.73
N SER C 61 -11.69 13.96 2.01
CA SER C 61 -12.88 14.73 2.30
C SER C 61 -12.75 16.22 1.83
N GLU C 62 -11.62 16.87 2.09
CA GLU C 62 -11.47 18.28 1.73
C GLU C 62 -11.43 18.47 0.21
N THR C 63 -10.70 17.66 -0.54
CA THR C 63 -10.74 17.73 -1.99
C THR C 63 -12.16 17.58 -2.55
N PHE C 64 -12.90 16.56 -2.08
CA PHE C 64 -14.25 16.30 -2.54
C PHE C 64 -15.22 17.42 -2.18
N THR C 65 -15.10 17.97 -0.98
CA THR C 65 -15.93 19.12 -0.66
C THR C 65 -15.56 20.33 -1.53
N GLU C 66 -14.26 20.58 -1.70
CA GLU C 66 -13.88 21.76 -2.47
C GLU C 66 -14.27 21.60 -3.92
N THR C 67 -13.97 20.46 -4.53
CA THR C 67 -14.31 20.30 -5.93
C THR C 67 -15.82 20.29 -6.12
N TRP C 68 -16.56 19.64 -5.23
CA TRP C 68 -18.02 19.60 -5.43
C TRP C 68 -18.66 20.97 -5.21
N ASN C 69 -18.29 21.69 -4.15
CA ASN C 69 -18.91 22.99 -3.85
C ASN C 69 -18.64 24.05 -4.91
N ARG C 70 -17.48 23.97 -5.51
CA ARG C 70 -17.15 24.89 -6.58
C ARG C 70 -17.90 24.50 -7.85
N PHE C 71 -18.01 23.19 -8.08
CA PHE C 71 -18.68 22.61 -9.25
C PHE C 71 -20.16 23.00 -9.23
N ILE C 72 -20.82 22.81 -8.10
CA ILE C 72 -22.26 23.06 -8.03
C ILE C 72 -22.61 24.56 -8.00
N THR C 73 -21.74 25.41 -7.46
CA THR C 73 -22.03 26.86 -7.39
C THR C 73 -21.63 27.60 -8.64
N HIS C 74 -20.86 26.94 -9.51
CA HIS C 74 -20.36 27.59 -10.72
C HIS C 74 -20.97 26.94 -11.95
N THR C 75 -21.76 25.90 -11.76
CA THR C 75 -22.37 25.27 -12.92
C THR C 75 -23.55 26.10 -13.40
N GLU C 76 -23.78 26.08 -14.71
CA GLU C 76 -24.89 26.80 -15.33
C GLU C 76 -25.73 25.83 -16.13
N HIS C 77 -25.33 24.56 -16.04
CA HIS C 77 -25.99 23.41 -16.65
C HIS C 77 -25.36 22.13 -16.03
N VAL C 78 -25.84 21.73 -14.85
CA VAL C 78 -25.09 20.74 -14.04
C VAL C 78 -24.96 19.37 -14.70
N ASP C 79 -25.95 18.95 -15.49
CA ASP C 79 -25.84 17.68 -16.17
C ASP C 79 -24.75 17.70 -17.23
N LEU C 80 -24.68 18.77 -18.02
CA LEU C 80 -23.65 18.87 -19.05
C LEU C 80 -22.27 18.91 -18.41
N ASP C 81 -22.17 19.57 -17.26
CA ASP C 81 -20.90 19.65 -16.56
C ASP C 81 -20.41 18.32 -15.95
N PHE C 82 -21.33 17.44 -15.55
CA PHE C 82 -20.97 16.08 -15.11
C PHE C 82 -20.28 15.36 -16.26
N ASN C 83 -20.83 15.57 -17.45
CA ASN C 83 -20.31 14.97 -18.67
C ASN C 83 -18.94 15.51 -19.09
N SER C 84 -18.73 16.80 -18.86
CA SER C 84 -17.44 17.40 -19.23
C SER C 84 -16.31 16.90 -18.33
N VAL C 85 -16.56 16.84 -17.03
CA VAL C 85 -15.55 16.34 -16.10
C VAL C 85 -15.20 14.91 -16.49
N PHE C 86 -16.24 14.12 -16.75
CA PHE C 86 -16.04 12.74 -17.19
C PHE C 86 -15.18 12.67 -18.46
N LEU C 87 -15.49 13.48 -19.46
CA LEU C 87 -14.76 13.46 -20.74
C LEU C 87 -13.25 13.66 -20.54
N GLU C 88 -12.89 14.62 -19.70
CA GLU C 88 -11.50 14.92 -19.41
C GLU C 88 -10.75 13.77 -18.74
N ILE C 89 -11.44 13.11 -17.81
CA ILE C 89 -10.80 12.06 -17.03
C ILE C 89 -10.58 10.82 -17.88
N PHE C 90 -11.54 10.50 -18.75
CA PHE C 90 -11.57 9.19 -19.38
C PHE C 90 -11.34 9.17 -20.91
N HIS C 91 -11.56 10.29 -21.61
CA HIS C 91 -11.25 10.30 -23.05
C HIS C 91 -10.00 11.15 -23.34
N ARG C 92 -9.88 12.29 -22.66
CA ARG C 92 -8.69 13.11 -22.82
C ARG C 92 -7.67 12.74 -21.75
N GLY C 93 -7.92 11.58 -21.12
CA GLY C 93 -7.02 10.99 -20.15
C GLY C 93 -7.20 9.50 -20.27
N ASP C 94 -6.24 8.72 -19.80
CA ASP C 94 -6.35 7.26 -19.91
C ASP C 94 -7.10 6.72 -18.69
N PRO C 95 -8.03 5.76 -18.91
CA PRO C 95 -8.82 5.13 -17.84
C PRO C 95 -8.01 4.15 -17.00
N SER C 96 -8.27 4.14 -15.68
CA SER C 96 -7.72 3.16 -14.74
C SER C 96 -8.75 2.82 -13.67
N LEU C 97 -8.48 1.78 -12.88
CA LEU C 97 -9.37 1.37 -11.78
C LEU C 97 -9.48 2.50 -10.77
N GLY C 98 -8.34 3.07 -10.43
CA GLY C 98 -8.31 4.26 -9.59
C GLY C 98 -9.30 5.31 -10.02
N ARG C 99 -9.15 5.81 -11.25
CA ARG C 99 -10.02 6.88 -11.75
C ARG C 99 -11.48 6.48 -11.75
N ALA C 100 -11.75 5.23 -12.14
CA ALA C 100 -13.11 4.71 -12.06
C ALA C 100 -13.67 4.91 -10.67
N LEU C 101 -12.93 4.47 -9.64
CA LEU C 101 -13.35 4.54 -8.24
C LEU C 101 -13.52 5.97 -7.74
N ALA C 102 -12.60 6.85 -8.10
CA ALA C 102 -12.69 8.24 -7.70
C ALA C 102 -13.96 8.90 -8.28
N TRP C 103 -14.23 8.61 -9.54
CA TRP C 103 -15.40 9.16 -10.20
C TRP C 103 -16.68 8.70 -9.49
N MET C 104 -16.81 7.39 -9.30
CA MET C 104 -17.96 6.85 -8.59
C MET C 104 -18.07 7.44 -7.18
N ALA C 105 -16.96 7.49 -6.44
CA ALA C 105 -17.00 8.07 -5.09
C ALA C 105 -17.45 9.51 -5.12
N TRP C 106 -16.91 10.27 -6.06
CA TRP C 106 -17.26 11.68 -6.21
C TRP C 106 -18.76 11.81 -6.57
N CYS C 107 -19.26 10.93 -7.42
CA CYS C 107 -20.67 11.00 -7.78
C CYS C 107 -21.56 10.65 -6.57
N MET C 108 -21.19 9.62 -5.81
CA MET C 108 -21.94 9.29 -4.61
C MET C 108 -21.91 10.44 -3.56
N HIS C 109 -20.74 11.04 -3.37
CA HIS C 109 -20.59 12.16 -2.47
C HIS C 109 -21.43 13.36 -2.94
N ALA C 110 -21.51 13.56 -4.25
CA ALA C 110 -22.33 14.65 -4.82
C ALA C 110 -23.77 14.47 -4.44
N CYS C 111 -24.29 13.25 -4.66
CA CYS C 111 -25.66 12.93 -4.39
C CYS C 111 -25.99 13.03 -2.92
N ARG C 112 -25.08 12.53 -2.09
CA ARG C 112 -25.25 12.63 -0.64
C ARG C 112 -25.34 14.10 -0.22
N THR C 113 -24.47 14.93 -0.80
CA THR C 113 -24.40 16.33 -0.44
C THR C 113 -25.67 17.04 -0.81
N LEU C 114 -26.21 16.71 -1.97
CA LEU C 114 -27.47 17.29 -2.42
C LEU C 114 -28.66 16.85 -1.58
N CYS C 115 -28.88 15.54 -1.47
CA CYS C 115 -30.09 15.02 -0.82
C CYS C 115 -30.06 15.14 0.69
N CYS C 116 -28.91 15.44 1.27
CA CYS C 116 -28.86 15.57 2.72
C CYS C 116 -29.10 17.00 3.10
N ASN C 117 -29.20 17.85 2.10
CA ASN C 117 -29.50 19.23 2.35
C ASN C 117 -30.94 19.48 1.91
N GLN C 118 -31.82 19.65 2.90
CA GLN C 118 -33.24 19.72 2.63
C GLN C 118 -33.61 20.99 1.85
N SER C 119 -32.68 21.94 1.75
CA SER C 119 -32.97 23.14 1.02
C SER C 119 -32.65 22.99 -0.47
N THR C 120 -32.07 21.86 -0.87
CA THR C 120 -31.73 21.68 -2.28
C THR C 120 -32.98 21.58 -3.09
N PRO C 121 -33.11 22.47 -4.08
CA PRO C 121 -34.25 22.43 -4.98
C PRO C 121 -34.31 21.08 -5.70
N TYR C 122 -35.52 20.56 -5.95
CA TYR C 122 -35.67 19.30 -6.65
C TYR C 122 -35.00 19.34 -8.00
N TYR C 123 -35.09 20.47 -8.69
CA TYR C 123 -34.60 20.54 -10.07
C TYR C 123 -33.08 20.39 -10.07
N VAL C 124 -32.43 20.83 -8.99
CA VAL C 124 -30.98 20.64 -8.89
C VAL C 124 -30.65 19.14 -8.70
N VAL C 125 -31.31 18.49 -7.76
CA VAL C 125 -31.17 17.04 -7.58
C VAL C 125 -31.57 16.30 -8.85
N ASP C 126 -32.66 16.75 -9.47
CA ASP C 126 -33.16 16.18 -10.71
C ASP C 126 -32.06 16.14 -11.79
N LEU C 127 -31.48 17.29 -12.11
CA LEU C 127 -30.45 17.37 -13.15
C LEU C 127 -29.10 16.72 -12.74
N SER C 128 -28.69 16.83 -11.47
CA SER C 128 -27.45 16.18 -11.02
C SER C 128 -27.51 14.65 -11.09
N VAL C 129 -28.64 14.09 -10.68
CA VAL C 129 -28.77 12.64 -10.74
C VAL C 129 -28.86 12.26 -12.20
N ARG C 130 -29.52 13.09 -12.99
CA ARG C 130 -29.58 12.78 -14.40
C ARG C 130 -28.20 12.81 -15.03
N GLY C 131 -27.45 13.88 -14.74
CA GLY C 131 -26.09 14.07 -15.23
C GLY C 131 -25.11 12.99 -14.87
N MET C 132 -25.02 12.64 -13.59
CA MET C 132 -24.02 11.68 -13.20
C MET C 132 -24.36 10.30 -13.75
N LEU C 133 -25.65 9.98 -13.87
CA LEU C 133 -26.02 8.67 -14.33
C LEU C 133 -25.73 8.51 -15.80
N GLU C 134 -26.00 9.55 -16.60
CA GLU C 134 -25.74 9.42 -18.04
C GLU C 134 -24.25 9.51 -18.31
N ALA C 135 -23.52 10.38 -17.63
CA ALA C 135 -22.08 10.44 -17.83
C ALA C 135 -21.42 9.11 -17.45
N SER C 136 -21.91 8.45 -16.39
CA SER C 136 -21.24 7.25 -15.90
C SER C 136 -21.51 6.06 -16.82
N GLU C 137 -22.46 6.22 -17.74
CA GLU C 137 -22.69 5.21 -18.78
C GLU C 137 -21.43 5.06 -19.64
N GLY C 138 -20.63 6.12 -19.70
CA GLY C 138 -19.34 6.08 -20.39
C GLY C 138 -18.33 5.04 -19.91
N LEU C 139 -18.49 4.54 -18.69
CA LEU C 139 -17.56 3.53 -18.14
C LEU C 139 -17.95 2.12 -18.56
N ASP C 140 -19.15 1.96 -19.09
CA ASP C 140 -19.72 0.63 -19.28
C ASP C 140 -18.87 -0.28 -20.18
N GLY C 141 -18.39 0.25 -21.30
CA GLY C 141 -17.54 -0.52 -22.20
C GLY C 141 -16.22 -0.99 -21.58
N TRP C 142 -15.52 -0.06 -20.93
CA TRP C 142 -14.24 -0.35 -20.33
C TRP C 142 -14.34 -1.38 -19.20
N ILE C 143 -15.25 -1.18 -18.26
CA ILE C 143 -15.32 -2.09 -17.13
C ILE C 143 -15.74 -3.46 -17.67
N HIS C 144 -16.42 -3.49 -18.80
CA HIS C 144 -16.70 -4.78 -19.42
C HIS C 144 -15.39 -5.45 -19.83
N GLN C 145 -14.45 -4.67 -20.36
CA GLN C 145 -13.12 -5.19 -20.71
C GLN C 145 -12.40 -5.72 -19.46
N GLN C 146 -12.77 -5.19 -18.30
CA GLN C 146 -12.14 -5.55 -17.04
C GLN C 146 -12.87 -6.67 -16.32
N GLY C 147 -13.99 -7.09 -16.90
CA GLY C 147 -14.74 -8.23 -16.40
C GLY C 147 -16.00 -7.92 -15.61
N GLY C 148 -16.33 -6.64 -15.47
CA GLY C 148 -17.52 -6.24 -14.72
C GLY C 148 -17.24 -5.64 -13.35
N TRP C 149 -18.23 -4.95 -12.80
CA TRP C 149 -18.06 -4.31 -11.50
C TRP C 149 -17.86 -5.33 -10.38
N SER C 150 -18.62 -6.42 -10.41
CA SER C 150 -18.52 -7.45 -9.38
C SER C 150 -17.14 -8.07 -9.24
N THR C 151 -16.49 -8.34 -10.36
CA THR C 151 -15.17 -8.96 -10.32
C THR C 151 -14.10 -7.97 -9.88
N LEU C 152 -14.27 -6.70 -10.22
CA LEU C 152 -13.21 -5.71 -10.05
C LEU C 152 -12.77 -5.53 -8.62
N ILE C 153 -13.72 -5.72 -7.71
CA ILE C 153 -13.54 -5.32 -6.33
C ILE C 153 -12.99 -6.52 -5.56
N GLU C 154 -13.22 -7.72 -6.10
CA GLU C 154 -12.83 -8.94 -5.41
C GLU C 154 -11.32 -9.18 -5.53
N ASP C 155 -10.78 -9.00 -6.73
CA ASP C 155 -9.37 -9.30 -6.98
C ASP C 155 -8.45 -8.28 -6.31
N ASP D 1 -11.03 27.05 -16.64
CA ASP D 1 -10.52 27.13 -15.27
C ASP D 1 -11.25 26.27 -14.25
N ILE D 2 -12.20 25.44 -14.66
CA ILE D 2 -12.90 24.66 -13.63
C ILE D 2 -13.13 23.19 -13.99
N ILE D 3 -13.76 22.91 -15.13
CA ILE D 3 -13.92 21.53 -15.57
C ILE D 3 -12.55 20.90 -15.78
N ARG D 4 -11.64 21.69 -16.32
CA ARG D 4 -10.27 21.25 -16.53
C ARG D 4 -9.63 21.03 -15.15
N ASN D 5 -9.92 21.95 -14.22
CA ASN D 5 -9.43 21.87 -12.86
C ASN D 5 -9.95 20.67 -12.08
N ILE D 6 -11.28 20.58 -12.01
CA ILE D 6 -11.96 19.53 -11.25
C ILE D 6 -11.49 18.16 -11.70
N ALA D 7 -11.48 17.93 -13.00
CA ALA D 7 -11.09 16.64 -13.50
C ALA D 7 -9.65 16.30 -13.17
N ARG D 8 -8.82 17.32 -12.98
CA ARG D 8 -7.41 17.05 -12.71
C ARG D 8 -7.28 16.63 -11.25
N HIS D 9 -7.94 17.36 -10.36
CA HIS D 9 -8.04 16.92 -8.97
C HIS D 9 -8.53 15.47 -8.84
N LEU D 10 -9.63 15.12 -9.52
CA LEU D 10 -10.18 13.78 -9.42
C LEU D 10 -9.29 12.72 -10.07
N ALA D 11 -8.62 13.10 -11.15
CA ALA D 11 -7.67 12.21 -11.81
C ALA D 11 -6.48 11.95 -10.88
N GLN D 12 -6.09 12.99 -10.16
CA GLN D 12 -4.99 12.90 -9.21
C GLN D 12 -5.36 11.94 -8.09
N VAL D 13 -6.63 11.91 -7.73
CA VAL D 13 -7.08 11.09 -6.63
C VAL D 13 -7.19 9.67 -7.16
N GLY D 14 -7.69 9.55 -8.39
CA GLY D 14 -7.78 8.29 -9.08
C GLY D 14 -6.42 7.64 -9.25
N ASP D 15 -5.42 8.46 -9.57
CA ASP D 15 -4.08 7.94 -9.83
C ASP D 15 -3.33 7.58 -8.53
N SER D 16 -3.59 8.33 -7.46
CA SER D 16 -2.98 8.14 -6.15
C SER D 16 -3.36 6.84 -5.43
N MET D 17 -4.26 6.04 -6.00
CA MET D 17 -4.76 4.85 -5.33
C MET D 17 -4.01 3.59 -5.76
N ALA E 1 10.75 -37.15 15.97
CA ALA E 1 9.54 -36.36 16.19
C ALA E 1 9.90 -34.92 16.64
N TYR E 2 10.17 -34.02 15.69
CA TYR E 2 10.60 -32.67 16.02
C TYR E 2 9.58 -31.58 15.63
N SER E 3 9.21 -30.70 16.57
CA SER E 3 8.36 -29.52 16.26
C SER E 3 9.09 -28.45 15.47
N THR E 4 8.33 -27.60 14.79
CA THR E 4 8.93 -26.50 14.00
C THR E 4 9.73 -25.57 14.90
N ARG E 5 9.25 -25.36 16.12
CA ARG E 5 10.00 -24.58 17.10
C ARG E 5 11.36 -25.24 17.37
N GLU E 6 11.34 -26.54 17.64
CA GLU E 6 12.55 -27.30 17.90
C GLU E 6 13.52 -27.17 16.76
N ILE E 7 13.01 -27.30 15.55
CA ILE E 7 13.88 -27.32 14.39
C ILE E 7 14.44 -25.94 14.12
N LEU E 8 13.63 -24.90 14.26
CA LEU E 8 14.12 -23.55 13.99
C LEU E 8 15.22 -23.15 15.00
N LEU E 9 15.02 -23.50 16.26
CA LEU E 9 16.03 -23.24 17.29
C LEU E 9 17.26 -24.10 17.06
N ALA E 10 17.04 -25.37 16.72
CA ALA E 10 18.14 -26.28 16.42
C ALA E 10 18.97 -25.70 15.28
N LEU E 11 18.29 -25.11 14.31
CA LEU E 11 18.92 -24.48 13.16
C LEU E 11 19.74 -23.26 13.51
N CYS E 12 19.21 -22.40 14.39
CA CYS E 12 19.92 -21.19 14.86
C CYS E 12 21.19 -21.54 15.66
N ILE E 13 21.09 -22.57 16.50
CA ILE E 13 22.23 -23.01 17.28
C ILE E 13 23.25 -23.65 16.35
N ARG E 14 22.78 -24.49 15.46
CA ARG E 14 23.64 -25.06 14.43
C ARG E 14 24.39 -23.97 13.67
N ASP E 15 23.70 -22.90 13.29
CA ASP E 15 24.31 -21.80 12.53
C ASP E 15 25.33 -21.02 13.34
N SER E 16 25.06 -20.79 14.62
CA SER E 16 26.06 -20.16 15.49
C SER E 16 27.33 -20.95 15.53
N ARG E 17 27.21 -22.27 15.55
CA ARG E 17 28.41 -23.07 15.75
C ARG E 17 29.34 -23.02 14.53
N VAL E 18 28.83 -22.70 13.35
CA VAL E 18 29.71 -22.53 12.18
C VAL E 18 29.90 -21.05 11.83
N HIS E 19 29.58 -20.18 12.78
CA HIS E 19 29.87 -18.75 12.66
C HIS E 19 30.68 -18.21 13.86
N GLY E 20 31.16 -16.98 13.71
CA GLY E 20 31.85 -16.27 14.78
C GLY E 20 32.97 -17.04 15.46
N ASN E 21 32.97 -17.03 16.78
CA ASN E 21 33.93 -17.78 17.56
C ASN E 21 33.29 -19.09 18.02
N GLY E 22 32.14 -19.40 17.43
CA GLY E 22 31.42 -20.61 17.76
C GLY E 22 30.61 -20.52 19.05
N THR E 23 30.85 -19.49 19.87
CA THR E 23 30.15 -19.39 21.14
C THR E 23 28.64 -19.16 20.90
N LEU E 24 27.84 -19.37 21.93
CA LEU E 24 26.39 -19.34 21.77
C LEU E 24 25.78 -18.22 22.62
N HIS E 25 24.97 -17.38 22.00
CA HIS E 25 24.33 -16.30 22.73
C HIS E 25 23.53 -16.87 23.90
N PRO E 26 23.66 -16.23 25.06
CA PRO E 26 22.89 -16.60 26.24
C PRO E 26 21.41 -16.83 25.96
N VAL E 27 20.81 -15.99 25.12
CA VAL E 27 19.40 -16.15 24.82
C VAL E 27 19.10 -17.50 24.16
N LEU E 28 19.96 -17.91 23.23
CA LEU E 28 19.79 -19.19 22.55
C LEU E 28 20.03 -20.38 23.50
N GLU E 29 21.03 -20.26 24.34
CA GLU E 29 21.31 -21.35 25.25
C GLU E 29 20.16 -21.51 26.22
N LEU E 30 19.64 -20.40 26.72
CA LEU E 30 18.49 -20.48 27.61
C LEU E 30 17.29 -21.08 26.86
N ALA E 31 17.10 -20.70 25.60
CA ALA E 31 15.99 -21.24 24.83
C ALA E 31 16.12 -22.76 24.65
N ALA E 32 17.34 -23.25 24.46
CA ALA E 32 17.56 -24.69 24.31
C ALA E 32 17.15 -25.43 25.58
N ARG E 33 17.19 -24.74 26.71
CA ARG E 33 16.80 -25.33 27.98
C ARG E 33 15.31 -25.29 28.20
N GLU E 34 14.70 -24.21 27.72
CA GLU E 34 13.34 -23.90 28.09
C GLU E 34 12.32 -24.46 27.11
N THR E 35 12.77 -24.82 25.93
CA THR E 35 11.82 -25.28 24.93
C THR E 35 11.17 -26.62 25.33
N PRO E 36 11.97 -27.62 25.79
CA PRO E 36 13.42 -27.78 25.80
C PRO E 36 13.87 -28.47 24.53
N LEU E 37 14.93 -27.94 23.93
CA LEU E 37 15.46 -28.52 22.72
C LEU E 37 15.86 -30.00 22.89
N ARG E 38 15.18 -30.89 22.18
CA ARG E 38 15.54 -32.30 22.21
C ARG E 38 16.20 -32.76 20.92
N LEU E 39 15.90 -32.06 19.82
CA LEU E 39 16.56 -32.29 18.54
C LEU E 39 17.96 -31.73 18.55
N SER E 40 18.96 -32.59 18.35
CA SER E 40 20.33 -32.13 18.38
C SER E 40 20.65 -31.28 17.17
N PRO E 41 21.27 -30.11 17.37
CA PRO E 41 21.69 -29.30 16.23
C PRO E 41 22.78 -29.96 15.41
N GLU E 42 23.25 -31.11 15.87
CA GLU E 42 24.22 -31.88 15.10
C GLU E 42 23.52 -33.04 14.36
N ASP E 43 22.20 -33.12 14.51
CA ASP E 43 21.40 -34.11 13.80
C ASP E 43 21.47 -33.84 12.30
N THR E 44 21.65 -34.92 11.53
CA THR E 44 21.74 -34.85 10.06
C THR E 44 20.70 -33.94 9.39
N VAL E 45 19.46 -34.03 9.85
CA VAL E 45 18.37 -33.24 9.30
C VAL E 45 18.57 -31.73 9.52
N VAL E 46 19.21 -31.35 10.62
CA VAL E 46 19.50 -29.94 10.87
C VAL E 46 20.62 -29.50 9.98
N LEU E 47 21.62 -30.38 9.85
CA LEU E 47 22.74 -30.13 8.96
C LEU E 47 22.16 -29.89 7.56
N ARG E 48 21.29 -30.80 7.09
CA ARG E 48 20.72 -30.68 5.75
C ARG E 48 19.91 -29.41 5.56
N TYR E 49 18.97 -29.16 6.46
CA TYR E 49 18.19 -27.95 6.37
C TYR E 49 19.07 -26.70 6.46
N HIS E 50 20.13 -26.75 7.24
CA HIS E 50 20.96 -25.56 7.39
C HIS E 50 21.66 -25.12 6.12
N VAL E 51 22.29 -26.07 5.42
CA VAL E 51 22.93 -25.74 4.16
C VAL E 51 21.85 -25.25 3.19
N LEU E 52 20.70 -25.92 3.20
CA LEU E 52 19.58 -25.50 2.35
C LEU E 52 19.17 -24.05 2.64
N LEU E 53 18.95 -23.71 3.91
CA LEU E 53 18.50 -22.37 4.26
C LEU E 53 19.52 -21.29 3.92
N GLU E 54 20.79 -21.61 4.10
CA GLU E 54 21.85 -20.66 3.82
C GLU E 54 21.90 -20.40 2.31
N GLU E 55 21.63 -21.43 1.51
CA GLU E 55 21.54 -21.25 0.06
C GLU E 55 20.38 -20.29 -0.28
N ILE E 56 19.27 -20.36 0.45
CA ILE E 56 18.16 -19.43 0.23
C ILE E 56 18.53 -18.00 0.58
N ILE E 57 19.18 -17.82 1.75
CA ILE E 57 19.68 -16.51 2.15
C ILE E 57 20.61 -15.95 1.09
N GLU E 58 21.53 -16.79 0.62
CA GLU E 58 22.47 -16.37 -0.39
C GLU E 58 21.73 -15.89 -1.64
N ARG E 59 20.73 -16.65 -2.08
CA ARG E 59 19.96 -16.30 -3.29
C ARG E 59 19.19 -14.99 -3.11
N ASN E 60 18.86 -14.67 -1.87
CA ASN E 60 18.10 -13.47 -1.57
C ASN E 60 18.82 -12.58 -0.57
N SER E 61 20.14 -12.51 -0.67
CA SER E 61 20.91 -11.81 0.36
C SER E 61 20.50 -10.34 0.43
N GLU E 62 20.29 -9.72 -0.72
CA GLU E 62 19.94 -8.32 -0.74
C GLU E 62 18.56 -8.04 -0.17
N THR E 63 17.58 -8.83 -0.58
CA THR E 63 16.23 -8.72 -0.03
C THR E 63 16.25 -8.98 1.49
N PHE E 64 16.91 -10.05 1.90
CA PHE E 64 16.94 -10.39 3.31
C PHE E 64 17.68 -9.34 4.15
N THR E 65 18.75 -8.78 3.61
CA THR E 65 19.44 -7.71 4.33
C THR E 65 18.56 -6.46 4.46
N GLU E 66 17.94 -6.03 3.37
CA GLU E 66 17.11 -4.83 3.37
C GLU E 66 15.82 -4.95 4.20
N THR E 67 15.09 -6.06 4.05
CA THR E 67 13.89 -6.23 4.83
C THR E 67 14.19 -6.36 6.31
N TRP E 68 15.21 -7.13 6.66
CA TRP E 68 15.53 -7.28 8.08
C TRP E 68 15.99 -5.98 8.69
N ASN E 69 16.84 -5.24 7.98
CA ASN E 69 17.33 -3.98 8.54
C ASN E 69 16.20 -2.99 8.76
N ARG E 70 15.24 -2.96 7.84
CA ARG E 70 14.13 -2.02 7.94
C ARG E 70 13.24 -2.42 9.10
N PHE E 71 13.06 -3.73 9.25
CA PHE E 71 12.22 -4.32 10.26
C PHE E 71 12.78 -4.02 11.66
N ILE E 72 14.05 -4.32 11.89
CA ILE E 72 14.61 -4.23 13.24
C ILE E 72 14.80 -2.77 13.68
N THR E 73 14.92 -1.86 12.71
CA THR E 73 15.17 -0.46 13.04
C THR E 73 13.90 0.36 13.23
N HIS E 74 12.74 -0.20 12.90
CA HIS E 74 11.52 0.56 13.08
C HIS E 74 10.59 -0.18 13.99
N THR E 75 10.96 -1.39 14.41
CA THR E 75 10.08 -2.10 15.31
C THR E 75 10.19 -1.50 16.69
N GLU E 76 9.09 -1.57 17.40
CA GLU E 76 9.00 -1.00 18.72
C GLU E 76 8.64 -2.12 19.67
N HIS E 77 8.47 -3.32 19.10
CA HIS E 77 8.16 -4.53 19.85
C HIS E 77 8.34 -5.69 18.90
N VAL E 78 9.60 -6.10 18.77
CA VAL E 78 9.99 -6.98 17.69
C VAL E 78 9.34 -8.35 17.82
N ASP E 79 9.05 -8.79 19.05
CA ASP E 79 8.40 -10.11 19.21
C ASP E 79 6.98 -10.12 18.62
N LEU E 80 6.22 -9.06 18.86
CA LEU E 80 4.86 -8.95 18.33
C LEU E 80 4.90 -8.84 16.81
N ASP E 81 5.91 -8.16 16.30
CA ASP E 81 5.98 -7.96 14.87
C ASP E 81 6.32 -9.23 14.08
N PHE E 82 7.08 -10.16 14.67
CA PHE E 82 7.34 -11.48 14.07
C PHE E 82 6.02 -12.20 13.90
N ASN E 83 5.17 -12.08 14.91
CA ASN E 83 3.86 -12.70 14.84
C ASN E 83 2.95 -12.06 13.80
N SER E 84 3.07 -10.75 13.65
CA SER E 84 2.25 -10.05 12.68
C SER E 84 2.65 -10.44 11.26
N VAL E 85 3.95 -10.48 11.00
CA VAL E 85 4.46 -10.81 9.67
C VAL E 85 4.01 -12.20 9.27
N PHE E 86 4.20 -13.11 10.20
CA PHE E 86 3.81 -14.49 10.00
C PHE E 86 2.32 -14.55 9.67
N LEU E 87 1.50 -13.86 10.48
CA LEU E 87 0.05 -13.85 10.31
C LEU E 87 -0.35 -13.50 8.89
N GLU E 88 0.29 -12.46 8.34
CA GLU E 88 -0.02 -12.01 6.98
C GLU E 88 0.31 -13.05 5.93
N ILE E 89 1.44 -13.73 6.10
CA ILE E 89 1.90 -14.70 5.13
C ILE E 89 1.12 -15.99 5.17
N PHE E 90 0.84 -16.46 6.38
CA PHE E 90 0.39 -17.84 6.52
C PHE E 90 -1.04 -18.02 6.98
N HIS E 91 -1.62 -16.98 7.57
CA HIS E 91 -3.00 -17.05 8.01
C HIS E 91 -3.92 -16.26 7.09
N ARG E 92 -3.46 -15.10 6.63
CA ARG E 92 -4.17 -14.26 5.66
C ARG E 92 -3.62 -14.61 4.26
N GLY E 93 -2.90 -15.73 4.22
CA GLY E 93 -2.32 -16.27 3.02
C GLY E 93 -2.21 -17.78 3.16
N ASP E 94 -1.94 -18.46 2.05
CA ASP E 94 -1.79 -19.90 2.10
C ASP E 94 -0.37 -20.33 2.46
N PRO E 95 -0.27 -21.39 3.27
CA PRO E 95 1.05 -21.96 3.53
C PRO E 95 1.49 -22.78 2.32
N SER E 96 2.76 -22.71 1.96
CA SER E 96 3.31 -23.57 0.93
C SER E 96 4.72 -24.00 1.30
N LEU E 97 5.27 -24.98 0.60
CA LEU E 97 6.64 -25.42 0.87
C LEU E 97 7.61 -24.25 0.70
N GLY E 98 7.51 -23.58 -0.44
CA GLY E 98 8.27 -22.37 -0.71
C GLY E 98 8.25 -21.37 0.43
N ARG E 99 7.05 -20.92 0.75
CA ARG E 99 6.84 -19.93 1.81
C ARG E 99 7.37 -20.33 3.18
N ALA E 100 7.18 -21.58 3.56
CA ALA E 100 7.73 -22.12 4.78
C ALA E 100 9.23 -21.89 4.82
N LEU E 101 9.92 -22.27 3.73
CA LEU E 101 11.38 -22.15 3.67
C LEU E 101 11.83 -20.69 3.72
N ALA E 102 11.15 -19.83 2.97
CA ALA E 102 11.50 -18.41 2.94
C ALA E 102 11.38 -17.81 4.35
N TRP E 103 10.33 -18.18 5.07
CA TRP E 103 10.18 -17.71 6.44
C TRP E 103 11.34 -18.22 7.35
N MET E 104 11.54 -19.54 7.36
CA MET E 104 12.58 -20.16 8.18
C MET E 104 13.95 -19.56 7.91
N ALA E 105 14.29 -19.43 6.64
CA ALA E 105 15.53 -18.81 6.24
C ALA E 105 15.65 -17.38 6.76
N TRP E 106 14.58 -16.60 6.59
CA TRP E 106 14.59 -15.20 7.04
C TRP E 106 14.79 -15.12 8.56
N CYS E 107 14.18 -16.05 9.30
CA CYS E 107 14.30 -16.04 10.75
C CYS E 107 15.72 -16.39 11.16
N MET E 108 16.30 -17.40 10.52
CA MET E 108 17.69 -17.79 10.76
C MET E 108 18.67 -16.66 10.46
N HIS E 109 18.42 -15.97 9.34
CA HIS E 109 19.22 -14.81 8.97
C HIS E 109 19.08 -13.72 10.02
N ALA E 110 17.88 -13.58 10.57
CA ALA E 110 17.64 -12.55 11.57
C ALA E 110 18.49 -12.81 12.80
N CYS E 111 18.45 -14.05 13.28
CA CYS E 111 19.13 -14.45 14.48
C CYS E 111 20.63 -14.28 14.29
N ARG E 112 21.12 -14.67 13.12
CA ARG E 112 22.55 -14.51 12.80
C ARG E 112 23.02 -13.05 12.82
N THR E 113 22.23 -12.15 12.25
CA THR E 113 22.63 -10.74 12.14
C THR E 113 22.70 -10.13 13.51
N LEU E 114 21.77 -10.54 14.35
CA LEU E 114 21.69 -10.08 15.72
C LEU E 114 22.86 -10.63 16.54
N CYS E 115 23.00 -11.96 16.58
CA CYS E 115 23.98 -12.62 17.45
C CYS E 115 25.43 -12.47 16.98
N CYS E 116 25.64 -12.03 15.74
CA CYS E 116 27.00 -11.77 15.27
C CYS E 116 27.43 -10.32 15.47
N ASN E 117 26.54 -9.50 16.02
CA ASN E 117 26.89 -8.12 16.36
C ASN E 117 26.95 -7.97 17.88
N GLN E 118 28.15 -7.78 18.42
CA GLN E 118 28.35 -7.79 19.86
C GLN E 118 27.67 -6.62 20.59
N SER E 119 27.32 -5.58 19.84
CA SER E 119 26.71 -4.40 20.43
C SER E 119 25.18 -4.53 20.53
N THR E 120 24.63 -5.62 20.01
CA THR E 120 23.19 -5.88 20.06
C THR E 120 22.74 -6.07 21.51
N PRO E 121 21.83 -5.20 21.99
CA PRO E 121 21.28 -5.30 23.34
C PRO E 121 20.66 -6.67 23.54
N TYR E 122 20.77 -7.23 24.72
CA TYR E 122 20.19 -8.56 24.97
C TYR E 122 18.68 -8.55 24.71
N TYR E 123 18.00 -7.48 25.11
CA TYR E 123 16.55 -7.50 25.08
C TYR E 123 16.07 -7.67 23.63
N VAL E 124 16.83 -7.12 22.68
CA VAL E 124 16.50 -7.32 21.28
C VAL E 124 16.66 -8.77 20.85
N VAL E 125 17.79 -9.39 21.16
CA VAL E 125 17.98 -10.80 20.81
C VAL E 125 16.88 -11.64 21.43
N ASP E 126 16.66 -11.37 22.70
CA ASP E 126 15.64 -11.99 23.53
C ASP E 126 14.25 -11.90 22.87
N LEU E 127 13.82 -10.69 22.55
CA LEU E 127 12.49 -10.54 22.00
C LEU E 127 12.42 -11.11 20.59
N SER E 128 13.49 -10.99 19.82
CA SER E 128 13.50 -11.57 18.48
C SER E 128 13.42 -13.11 18.50
N VAL E 129 14.15 -13.75 19.42
CA VAL E 129 14.14 -15.19 19.50
C VAL E 129 12.80 -15.61 20.10
N ARG E 130 12.26 -14.81 21.01
CA ARG E 130 10.96 -15.15 21.57
C ARG E 130 9.95 -15.11 20.42
N GLY E 131 10.01 -14.03 19.66
CA GLY E 131 9.12 -13.83 18.54
C GLY E 131 9.13 -14.88 17.44
N MET E 132 10.30 -15.18 16.90
CA MET E 132 10.37 -16.10 15.77
C MET E 132 10.00 -17.52 16.17
N LEU E 133 10.33 -17.90 17.40
CA LEU E 133 10.05 -19.26 17.81
C LEU E 133 8.56 -19.50 18.04
N GLU E 134 7.85 -18.54 18.66
CA GLU E 134 6.42 -18.76 18.87
C GLU E 134 5.69 -18.60 17.56
N ALA E 135 6.06 -17.62 16.74
CA ALA E 135 5.36 -17.47 15.47
C ALA E 135 5.50 -18.73 14.62
N SER E 136 6.67 -19.38 14.67
CA SER E 136 6.93 -20.53 13.80
C SER E 136 6.18 -21.79 14.25
N GLU E 137 5.64 -21.77 15.46
CA GLU E 137 4.82 -22.87 15.96
C GLU E 137 3.61 -23.05 15.07
N GLY E 138 3.19 -21.96 14.43
CA GLY E 138 2.06 -21.96 13.53
C GLY E 138 2.13 -22.89 12.34
N LEU E 139 3.34 -23.34 11.98
CA LEU E 139 3.53 -24.22 10.82
C LEU E 139 3.26 -25.67 11.11
N ASP E 140 3.09 -26.01 12.38
CA ASP E 140 3.04 -27.39 12.82
C ASP E 140 1.92 -28.17 12.16
N GLY E 141 0.74 -27.58 12.18
CA GLY E 141 -0.43 -28.20 11.56
C GLY E 141 -0.22 -28.45 10.08
N TRP E 142 0.29 -27.45 9.37
CA TRP E 142 0.48 -27.63 7.95
C TRP E 142 1.52 -28.73 7.68
N ILE E 143 2.71 -28.62 8.28
CA ILE E 143 3.77 -29.58 7.98
C ILE E 143 3.44 -30.99 8.45
N HIS E 144 2.62 -31.11 9.49
CA HIS E 144 2.14 -32.41 9.90
C HIS E 144 1.29 -33.04 8.79
N GLN E 145 0.46 -32.23 8.13
CA GLN E 145 -0.29 -32.74 6.97
C GLN E 145 0.64 -33.18 5.86
N GLN E 146 1.82 -32.58 5.79
CA GLN E 146 2.74 -32.88 4.70
C GLN E 146 3.65 -34.04 5.10
N GLY E 147 3.51 -34.52 6.32
CA GLY E 147 4.24 -35.70 6.76
C GLY E 147 5.43 -35.44 7.65
N GLY E 148 5.66 -34.18 8.01
CA GLY E 148 6.77 -33.83 8.87
C GLY E 148 7.95 -33.17 8.21
N TRP E 149 8.79 -32.54 9.02
CA TRP E 149 9.96 -31.81 8.53
C TRP E 149 11.01 -32.69 7.86
N SER E 150 11.29 -33.84 8.44
CA SER E 150 12.28 -34.74 7.86
C SER E 150 11.91 -35.20 6.46
N THR E 151 10.66 -35.57 6.27
CA THR E 151 10.24 -36.12 4.98
C THR E 151 10.24 -35.01 3.93
N LEU E 152 9.92 -33.80 4.37
CA LEU E 152 9.69 -32.65 3.49
C LEU E 152 10.93 -32.34 2.64
N ILE E 153 12.11 -32.63 3.16
CA ILE E 153 13.35 -32.16 2.54
C ILE E 153 13.93 -33.17 1.55
N GLU E 154 13.62 -34.44 1.75
CA GLU E 154 14.21 -35.51 0.95
C GLU E 154 13.55 -35.64 -0.41
N ASP E 155 12.23 -35.58 -0.42
CA ASP E 155 11.44 -35.94 -1.59
C ASP E 155 11.56 -35.00 -2.79
N ASN E 156 11.38 -33.71 -2.55
CA ASN E 156 11.30 -32.75 -3.65
C ASN E 156 12.51 -31.82 -3.73
N ASP F 1 3.97 0.69 7.20
CA ASP F 1 3.50 -0.52 6.52
C ASP F 1 4.59 -1.57 6.49
N ILE F 2 5.64 -1.29 7.24
CA ILE F 2 6.80 -2.17 7.37
C ILE F 2 6.44 -3.66 7.48
N ILE F 3 5.50 -3.99 8.35
CA ILE F 3 5.03 -5.37 8.44
C ILE F 3 4.39 -5.86 7.14
N ARG F 4 3.57 -5.01 6.53
CA ARG F 4 2.91 -5.37 5.29
C ARG F 4 3.91 -5.50 4.15
N ASN F 5 4.86 -4.57 4.10
CA ASN F 5 5.89 -4.62 3.09
C ASN F 5 6.78 -5.89 3.24
N ILE F 6 7.33 -6.12 4.43
CA ILE F 6 8.15 -7.31 4.66
C ILE F 6 7.41 -8.61 4.33
N ALA F 7 6.16 -8.74 4.80
CA ALA F 7 5.39 -9.97 4.58
C ALA F 7 5.16 -10.20 3.10
N ARG F 8 5.19 -9.09 2.35
CA ARG F 8 5.01 -9.14 0.92
C ARG F 8 6.30 -9.61 0.23
N HIS F 9 7.43 -9.00 0.60
CA HIS F 9 8.74 -9.44 0.11
C HIS F 9 8.92 -10.93 0.32
N LEU F 10 8.58 -11.41 1.52
CA LEU F 10 8.73 -12.84 1.83
C LEU F 10 7.75 -13.70 1.04
N ALA F 11 6.59 -13.11 0.74
CA ALA F 11 5.60 -13.78 -0.08
C ALA F 11 6.15 -14.01 -1.48
N GLN F 12 6.87 -13.01 -2.00
CA GLN F 12 7.46 -13.09 -3.35
C GLN F 12 8.48 -14.22 -3.44
N VAL F 13 9.23 -14.42 -2.37
CA VAL F 13 10.36 -15.34 -2.39
C VAL F 13 9.88 -16.76 -2.18
N GLY F 14 8.91 -16.93 -1.30
CA GLY F 14 8.37 -18.26 -1.07
C GLY F 14 7.79 -18.87 -2.33
N ASP F 15 7.09 -18.06 -3.11
CA ASP F 15 6.35 -18.57 -4.27
C ASP F 15 7.24 -18.89 -5.46
N SER F 16 8.27 -18.06 -5.64
CA SER F 16 9.20 -18.21 -6.74
C SER F 16 10.05 -19.48 -6.62
N MET F 17 9.91 -20.19 -5.52
CA MET F 17 10.72 -21.37 -5.29
C MET F 17 9.95 -22.65 -5.64
N ASP F 18 8.66 -22.49 -5.88
CA ASP F 18 7.77 -23.60 -6.20
C ASP F 18 7.82 -23.99 -7.68
N ALA G 1 1.15 8.98 11.55
CA ALA G 1 2.35 8.17 11.37
C ALA G 1 2.84 8.27 9.92
N TYR G 2 3.62 9.30 9.65
CA TYR G 2 4.18 9.50 8.33
C TYR G 2 5.66 9.37 8.44
N SER G 3 6.26 8.56 7.59
CA SER G 3 7.70 8.53 7.59
C SER G 3 8.17 9.87 7.03
N THR G 4 9.41 10.24 7.36
CA THR G 4 10.05 11.42 6.78
C THR G 4 10.15 11.27 5.28
N ARG G 5 10.34 10.03 4.82
CA ARG G 5 10.33 9.74 3.40
C ARG G 5 9.01 10.21 2.78
N GLU G 6 7.90 9.85 3.41
CA GLU G 6 6.58 10.25 2.95
C GLU G 6 6.36 11.77 2.87
N ILE G 7 6.72 12.51 3.92
CA ILE G 7 6.40 13.93 3.95
C ILE G 7 7.25 14.71 2.94
N LEU G 8 8.52 14.37 2.84
CA LEU G 8 9.42 15.03 1.90
C LEU G 8 8.97 14.77 0.48
N LEU G 9 8.46 13.56 0.25
CA LEU G 9 7.97 13.16 -1.06
C LEU G 9 6.70 13.94 -1.43
N ALA G 10 5.74 13.96 -0.52
CA ALA G 10 4.54 14.70 -0.76
C ALA G 10 4.87 16.20 -0.94
N LEU G 11 5.77 16.72 -0.12
CA LEU G 11 6.14 18.12 -0.19
C LEU G 11 6.76 18.45 -1.55
N CYS G 12 7.60 17.55 -2.06
CA CYS G 12 8.20 17.76 -3.37
C CYS G 12 7.15 17.77 -4.46
N ILE G 13 6.10 16.96 -4.27
CA ILE G 13 4.99 16.87 -5.20
C ILE G 13 4.10 18.11 -5.15
N ARG G 14 3.70 18.47 -3.95
CA ARG G 14 2.96 19.70 -3.73
C ARG G 14 3.69 20.88 -4.33
N ASP G 15 5.01 20.93 -4.12
CA ASP G 15 5.82 22.05 -4.61
C ASP G 15 5.76 22.02 -6.11
N SER G 16 5.80 20.81 -6.67
CA SER G 16 5.66 20.59 -8.10
C SER G 16 4.34 21.11 -8.65
N ARG G 17 3.25 20.85 -7.92
CA ARG G 17 1.92 21.23 -8.39
C ARG G 17 1.70 22.75 -8.38
N VAL G 18 2.47 23.51 -7.58
CA VAL G 18 2.34 24.97 -7.58
C VAL G 18 3.47 25.60 -8.38
N HIS G 19 4.17 24.77 -9.13
CA HIS G 19 5.20 25.23 -10.05
C HIS G 19 4.92 24.68 -11.44
N GLY G 20 5.62 25.20 -12.45
CA GLY G 20 5.53 24.67 -13.80
C GLY G 20 4.13 24.44 -14.34
N ASN G 21 3.91 23.26 -14.91
CA ASN G 21 2.62 22.89 -15.48
C ASN G 21 1.74 22.03 -14.57
N GLY G 22 2.14 21.90 -13.31
CA GLY G 22 1.39 21.10 -12.36
C GLY G 22 1.62 19.60 -12.54
N THR G 23 2.21 19.22 -13.67
CA THR G 23 2.52 17.81 -13.97
C THR G 23 3.65 17.31 -13.07
N LEU G 24 3.84 16.00 -13.05
CA LEU G 24 4.77 15.37 -12.12
C LEU G 24 5.90 14.67 -12.84
N HIS G 25 7.13 14.96 -12.42
CA HIS G 25 8.29 14.28 -12.99
C HIS G 25 8.10 12.78 -12.80
N PRO G 26 8.35 12.00 -13.86
CA PRO G 26 8.20 10.54 -13.78
C PRO G 26 8.89 9.88 -12.57
N VAL G 27 10.09 10.32 -12.21
CA VAL G 27 10.79 9.75 -11.04
C VAL G 27 9.97 9.91 -9.75
N LEU G 28 9.38 11.09 -9.57
CA LEU G 28 8.52 11.39 -8.41
C LEU G 28 7.20 10.65 -8.45
N GLU G 29 6.62 10.52 -9.63
CA GLU G 29 5.33 9.84 -9.78
C GLU G 29 5.49 8.38 -9.40
N LEU G 30 6.56 7.77 -9.89
CA LEU G 30 6.87 6.38 -9.57
C LEU G 30 7.17 6.18 -8.09
N ALA G 31 7.87 7.14 -7.51
CA ALA G 31 8.27 7.07 -6.11
C ALA G 31 7.05 7.05 -5.19
N ALA G 32 6.02 7.79 -5.54
CA ALA G 32 4.82 7.80 -4.74
C ALA G 32 4.16 6.43 -4.80
N ARG G 33 4.40 5.73 -5.90
CA ARG G 33 3.82 4.40 -6.11
C ARG G 33 4.60 3.35 -5.36
N GLU G 34 5.92 3.54 -5.30
CA GLU G 34 6.86 2.54 -4.81
C GLU G 34 7.13 2.61 -3.31
N THR G 35 6.82 3.73 -2.67
CA THR G 35 7.07 3.84 -1.24
C THR G 35 6.15 2.90 -0.44
N PRO G 36 4.83 2.89 -0.72
CA PRO G 36 4.00 3.78 -1.53
C PRO G 36 3.49 4.94 -0.68
N LEU G 37 3.54 6.14 -1.25
CA LEU G 37 3.04 7.33 -0.57
C LEU G 37 1.55 7.18 -0.25
N ARG G 38 1.22 7.14 1.03
CA ARG G 38 -0.17 7.05 1.44
C ARG G 38 -0.62 8.40 1.97
N LEU G 39 0.36 9.22 2.37
CA LEU G 39 0.09 10.59 2.76
C LEU G 39 -0.15 11.44 1.52
N SER G 40 -1.33 12.04 1.44
CA SER G 40 -1.69 12.86 0.30
C SER G 40 -0.92 14.18 0.21
N PRO G 41 -0.42 14.52 -0.97
CA PRO G 41 0.18 15.84 -1.16
C PRO G 41 -0.83 16.99 -1.08
N GLU G 42 -2.12 16.68 -0.93
CA GLU G 42 -3.17 17.69 -0.70
C GLU G 42 -3.53 17.80 0.76
N ASP G 43 -2.79 17.09 1.59
CA ASP G 43 -3.01 17.09 3.02
C ASP G 43 -2.69 18.45 3.65
N THR G 44 -3.58 18.97 4.50
CA THR G 44 -3.30 20.22 5.22
C THR G 44 -1.89 20.32 5.82
N VAL G 45 -1.40 19.23 6.42
CA VAL G 45 -0.09 19.22 7.06
C VAL G 45 0.99 19.48 6.03
N VAL G 46 0.77 18.99 4.81
CA VAL G 46 1.69 19.22 3.70
C VAL G 46 1.54 20.68 3.21
N LEU G 47 0.32 21.23 3.29
CA LEU G 47 0.11 22.65 3.00
C LEU G 47 0.97 23.56 3.91
N ARG G 48 0.92 23.34 5.21
CA ARG G 48 1.72 24.14 6.15
C ARG G 48 3.22 24.03 5.91
N TYR G 49 3.70 22.81 5.84
CA TYR G 49 5.13 22.56 5.68
C TYR G 49 5.65 23.14 4.39
N HIS G 50 4.80 23.12 3.37
CA HIS G 50 5.23 23.64 2.07
C HIS G 50 5.45 25.15 2.20
N VAL G 51 4.53 25.83 2.88
CA VAL G 51 4.67 27.25 3.13
C VAL G 51 5.89 27.53 4.01
N LEU G 52 6.04 26.73 5.07
CA LEU G 52 7.16 26.88 6.00
C LEU G 52 8.50 26.72 5.29
N LEU G 53 8.63 25.67 4.50
CA LEU G 53 9.88 25.49 3.81
C LEU G 53 10.15 26.56 2.77
N GLU G 54 9.11 27.04 2.08
CA GLU G 54 9.37 28.01 1.02
C GLU G 54 9.90 29.27 1.68
N GLU G 55 9.28 29.60 2.81
CA GLU G 55 9.73 30.71 3.62
C GLU G 55 11.18 30.54 4.07
N ILE G 56 11.56 29.32 4.45
CA ILE G 56 12.94 29.07 4.84
C ILE G 56 13.86 29.22 3.65
N ILE G 57 13.49 28.62 2.52
CA ILE G 57 14.28 28.76 1.30
C ILE G 57 14.47 30.23 0.91
N GLU G 58 13.39 31.00 0.92
CA GLU G 58 13.49 32.41 0.56
C GLU G 58 14.48 33.15 1.42
N ARG G 59 14.36 32.96 2.72
CA ARG G 59 15.16 33.68 3.69
C ARG G 59 16.62 33.33 3.53
N ASN G 60 16.87 32.15 2.97
CA ASN G 60 18.21 31.61 2.85
C ASN G 60 18.54 31.31 1.42
N SER G 61 17.99 32.10 0.53
CA SER G 61 18.05 31.79 -0.89
C SER G 61 19.48 31.73 -1.42
N GLU G 62 20.32 32.67 -0.98
CA GLU G 62 21.69 32.74 -1.48
C GLU G 62 22.49 31.51 -1.05
N THR G 63 22.41 31.14 0.23
CA THR G 63 23.09 29.94 0.71
C THR G 63 22.65 28.65 -0.01
N PHE G 64 21.35 28.42 -0.11
CA PHE G 64 20.83 27.18 -0.69
C PHE G 64 21.19 27.07 -2.15
N THR G 65 21.11 28.20 -2.83
CA THR G 65 21.47 28.25 -4.23
C THR G 65 22.96 27.99 -4.37
N GLU G 66 23.73 28.66 -3.52
CA GLU G 66 25.20 28.52 -3.56
C GLU G 66 25.63 27.12 -3.16
N THR G 67 25.05 26.60 -2.07
CA THR G 67 25.40 25.26 -1.62
C THR G 67 24.95 24.16 -2.57
N TRP G 68 23.74 24.26 -3.11
CA TRP G 68 23.28 23.21 -4.02
C TRP G 68 24.15 23.20 -5.27
N ASN G 69 24.43 24.38 -5.80
CA ASN G 69 25.26 24.54 -6.98
C ASN G 69 26.68 24.07 -6.74
N ARG G 70 27.12 24.24 -5.50
CA ARG G 70 28.46 23.84 -5.08
C ARG G 70 28.48 22.32 -5.06
N PHE G 71 27.42 21.75 -4.48
CA PHE G 71 27.22 20.32 -4.33
C PHE G 71 27.06 19.55 -5.64
N ILE G 72 26.10 19.97 -6.45
CA ILE G 72 25.66 19.20 -7.61
C ILE G 72 26.69 19.18 -8.73
N THR G 73 27.54 20.19 -8.76
CA THR G 73 28.52 20.30 -9.84
C THR G 73 29.76 19.46 -9.55
N HIS G 74 29.89 18.95 -8.32
CA HIS G 74 31.09 18.20 -7.96
C HIS G 74 30.88 16.74 -7.51
N THR G 75 29.64 16.28 -7.41
CA THR G 75 29.41 14.90 -6.96
C THR G 75 29.72 13.83 -8.02
N GLU G 76 30.11 12.65 -7.56
CA GLU G 76 30.42 11.51 -8.42
C GLU G 76 29.50 10.34 -8.05
N HIS G 77 28.65 10.61 -7.07
CA HIS G 77 27.63 9.66 -6.61
C HIS G 77 26.66 10.45 -5.74
N VAL G 78 25.71 11.11 -6.39
CA VAL G 78 24.88 12.14 -5.77
C VAL G 78 24.02 11.59 -4.64
N ASP G 79 23.62 10.33 -4.75
CA ASP G 79 22.83 9.68 -3.70
C ASP G 79 23.66 9.50 -2.43
N LEU G 80 24.92 9.10 -2.61
CA LEU G 80 25.84 8.87 -1.51
C LEU G 80 26.22 10.16 -0.78
N ASP G 81 26.38 11.24 -1.53
CA ASP G 81 26.73 12.55 -0.96
C ASP G 81 25.61 13.19 -0.14
N PHE G 82 24.36 12.88 -0.46
CA PHE G 82 23.22 13.28 0.36
C PHE G 82 23.37 12.65 1.76
N ASN G 83 23.78 11.39 1.81
CA ASN G 83 23.99 10.75 3.10
C ASN G 83 25.18 11.35 3.86
N SER G 84 26.23 11.72 3.12
CA SER G 84 27.42 12.27 3.76
C SER G 84 27.11 13.64 4.36
N VAL G 85 26.44 14.49 3.59
CA VAL G 85 26.06 15.80 4.09
C VAL G 85 25.12 15.62 5.28
N PHE G 86 24.13 14.73 5.09
CA PHE G 86 23.17 14.44 6.14
C PHE G 86 23.90 14.00 7.39
N LEU G 87 24.81 13.05 7.20
CA LEU G 87 25.58 12.42 8.27
C LEU G 87 26.34 13.42 9.12
N GLU G 88 27.06 14.34 8.46
CA GLU G 88 27.87 15.35 9.15
C GLU G 88 27.03 16.24 10.07
N ILE G 89 25.83 16.61 9.62
CA ILE G 89 24.96 17.51 10.38
C ILE G 89 24.33 16.75 11.55
N PHE G 90 23.98 15.48 11.31
CA PHE G 90 23.11 14.73 12.23
C PHE G 90 23.69 13.50 12.93
N HIS G 91 24.80 12.97 12.45
CA HIS G 91 25.43 11.83 13.12
C HIS G 91 26.59 12.34 13.96
N ARG G 92 27.29 13.34 13.42
CA ARG G 92 28.36 13.99 14.18
C ARG G 92 27.79 15.15 14.96
N GLY G 93 26.46 15.21 15.06
CA GLY G 93 25.81 16.26 15.83
C GLY G 93 24.48 15.82 16.39
N ASP G 94 23.98 16.56 17.37
CA ASP G 94 22.69 16.25 17.96
C ASP G 94 21.62 16.84 17.06
N PRO G 95 20.53 16.09 16.87
CA PRO G 95 19.43 16.58 16.02
C PRO G 95 18.63 17.69 16.66
N SER G 96 18.26 18.69 15.88
CA SER G 96 17.39 19.74 16.39
C SER G 96 16.35 20.17 15.36
N LEU G 97 15.32 20.87 15.82
CA LEU G 97 14.25 21.28 14.93
C LEU G 97 14.75 22.15 13.77
N GLY G 98 15.50 23.20 14.10
CA GLY G 98 16.17 24.05 13.13
C GLY G 98 16.90 23.28 12.05
N ARG G 99 17.83 22.45 12.48
CA ARG G 99 18.62 21.65 11.57
C ARG G 99 17.73 20.75 10.72
N ALA G 100 16.70 20.17 11.33
CA ALA G 100 15.75 19.34 10.60
C ALA G 100 15.07 20.09 9.43
N LEU G 101 14.46 21.22 9.77
CA LEU G 101 13.71 22.01 8.82
C LEU G 101 14.63 22.53 7.72
N ALA G 102 15.79 23.03 8.12
CA ALA G 102 16.74 23.56 7.13
C ALA G 102 17.10 22.46 6.15
N TRP G 103 17.28 21.26 6.68
CA TRP G 103 17.61 20.11 5.86
C TRP G 103 16.50 19.82 4.84
N MET G 104 15.27 19.71 5.33
CA MET G 104 14.11 19.43 4.47
C MET G 104 13.99 20.47 3.37
N ALA G 105 14.00 21.74 3.77
CA ALA G 105 13.91 22.86 2.84
C ALA G 105 15.00 22.78 1.77
N TRP G 106 16.22 22.45 2.19
CA TRP G 106 17.35 22.33 1.28
C TRP G 106 17.05 21.23 0.27
N CYS G 107 16.41 20.17 0.73
CA CYS G 107 16.07 19.05 -0.14
C CYS G 107 14.94 19.40 -1.11
N MET G 108 13.90 20.06 -0.60
CA MET G 108 12.84 20.53 -1.48
C MET G 108 13.44 21.49 -2.48
N HIS G 109 14.30 22.37 -1.99
CA HIS G 109 14.95 23.33 -2.89
C HIS G 109 15.75 22.60 -3.94
N ALA G 110 16.36 21.49 -3.55
CA ALA G 110 17.14 20.68 -4.48
C ALA G 110 16.21 20.07 -5.52
N CYS G 111 15.14 19.43 -5.05
CA CYS G 111 14.24 18.74 -5.97
C CYS G 111 13.60 19.71 -6.95
N ARG G 112 13.17 20.85 -6.42
CA ARG G 112 12.63 21.91 -7.23
C ARG G 112 13.63 22.41 -8.27
N THR G 113 14.88 22.61 -7.86
CA THR G 113 15.88 23.14 -8.78
C THR G 113 16.16 22.14 -9.90
N LEU G 114 16.15 20.86 -9.56
CA LEU G 114 16.37 19.81 -10.55
C LEU G 114 15.18 19.67 -11.50
N CYS G 115 13.97 19.48 -10.96
CA CYS G 115 12.80 19.22 -11.81
C CYS G 115 12.25 20.42 -12.60
N CYS G 116 12.61 21.63 -12.20
CA CYS G 116 12.15 22.81 -12.89
C CYS G 116 13.15 23.16 -13.97
N ASN G 117 14.20 22.34 -14.04
CA ASN G 117 15.17 22.43 -15.13
C ASN G 117 14.99 21.18 -15.98
N GLN G 118 14.40 21.36 -17.17
CA GLN G 118 14.02 20.24 -18.03
C GLN G 118 15.22 19.51 -18.63
N SER G 119 16.41 20.08 -18.51
CA SER G 119 17.61 19.48 -19.06
C SER G 119 18.23 18.46 -18.10
N THR G 120 17.68 18.37 -16.90
CA THR G 120 18.20 17.44 -15.91
C THR G 120 17.92 15.99 -16.30
N PRO G 121 18.99 15.19 -16.46
CA PRO G 121 18.90 13.76 -16.78
C PRO G 121 18.04 13.00 -15.78
N TYR G 122 17.26 12.03 -16.24
CA TYR G 122 16.36 11.29 -15.34
C TYR G 122 17.10 10.60 -14.21
N TYR G 123 18.26 10.02 -14.51
CA TYR G 123 19.00 9.26 -13.52
C TYR G 123 19.47 10.18 -12.39
N VAL G 124 19.78 11.43 -12.73
CA VAL G 124 20.13 12.43 -11.72
C VAL G 124 18.95 12.75 -10.83
N VAL G 125 17.81 13.04 -11.45
CA VAL G 125 16.60 13.28 -10.70
C VAL G 125 16.36 12.02 -9.87
N ASP G 126 16.53 10.86 -10.50
CA ASP G 126 16.31 9.59 -9.85
C ASP G 126 17.11 9.43 -8.56
N LEU G 127 18.44 9.55 -8.67
CA LEU G 127 19.34 9.35 -7.53
C LEU G 127 19.29 10.45 -6.49
N SER G 128 19.11 11.69 -6.95
CA SER G 128 19.04 12.82 -6.03
C SER G 128 17.83 12.61 -5.16
N VAL G 129 16.78 12.10 -5.77
CA VAL G 129 15.55 11.85 -5.04
C VAL G 129 15.69 10.66 -4.13
N ARG G 130 16.31 9.60 -4.65
CA ARG G 130 16.54 8.42 -3.85
C ARG G 130 17.56 8.81 -2.78
N GLY G 131 18.57 9.56 -3.21
CA GLY G 131 19.58 10.04 -2.30
C GLY G 131 19.01 10.85 -1.16
N MET G 132 18.19 11.85 -1.46
CA MET G 132 17.65 12.70 -0.40
C MET G 132 16.63 11.93 0.48
N LEU G 133 15.89 11.01 -0.12
CA LEU G 133 14.84 10.30 0.62
C LEU G 133 15.42 9.32 1.60
N GLU G 134 16.49 8.63 1.20
CA GLU G 134 17.09 7.66 2.10
C GLU G 134 17.83 8.38 3.24
N ALA G 135 18.60 9.41 2.91
CA ALA G 135 19.35 10.15 3.91
C ALA G 135 18.42 10.74 4.98
N SER G 136 17.24 11.15 4.55
CA SER G 136 16.28 11.79 5.43
C SER G 136 15.56 10.77 6.32
N GLU G 137 15.77 9.50 6.06
CA GLU G 137 15.21 8.49 6.94
C GLU G 137 15.81 8.66 8.34
N GLY G 138 17.05 9.15 8.40
CA GLY G 138 17.76 9.35 9.65
C GLY G 138 17.06 10.21 10.68
N LEU G 139 16.10 11.02 10.24
CA LEU G 139 15.39 11.91 11.14
C LEU G 139 14.24 11.18 11.82
N ASP G 140 13.95 9.98 11.33
CA ASP G 140 12.69 9.31 11.70
C ASP G 140 12.51 9.15 13.19
N GLY G 141 13.52 8.54 13.83
CA GLY G 141 13.51 8.29 15.26
C GLY G 141 13.41 9.56 16.09
N TRP G 142 14.24 10.54 15.74
CA TRP G 142 14.27 11.78 16.49
C TRP G 142 12.88 12.42 16.41
N ILE G 143 12.33 12.57 15.19
CA ILE G 143 11.02 13.20 15.08
C ILE G 143 9.95 12.32 15.71
N HIS G 144 10.16 11.00 15.70
CA HIS G 144 9.24 10.12 16.42
C HIS G 144 9.32 10.41 17.91
N GLN G 145 10.55 10.59 18.43
CA GLN G 145 10.74 11.01 19.82
C GLN G 145 10.10 12.36 20.13
N GLN G 146 9.94 13.21 19.11
CA GLN G 146 9.42 14.56 19.28
C GLN G 146 7.89 14.64 19.17
N GLY G 147 7.26 13.51 18.87
CA GLY G 147 5.81 13.45 18.83
C GLY G 147 5.20 13.39 17.44
N GLY G 148 6.06 13.35 16.41
CA GLY G 148 5.64 13.24 15.04
C GLY G 148 5.67 14.57 14.29
N TRP G 149 5.67 14.49 12.96
CA TRP G 149 5.73 15.68 12.11
C TRP G 149 4.48 16.58 12.18
N SER G 150 3.29 15.99 12.24
CA SER G 150 2.06 16.78 12.37
C SER G 150 2.11 17.58 13.66
N THR G 151 2.69 16.98 14.69
CA THR G 151 2.74 17.62 16.00
C THR G 151 3.70 18.81 16.00
N LEU G 152 4.78 18.72 15.23
CA LEU G 152 5.83 19.73 15.30
C LEU G 152 5.32 21.12 14.89
N ILE G 153 4.42 21.17 13.90
CA ILE G 153 4.03 22.44 13.32
C ILE G 153 2.69 22.97 13.82
N GLU G 154 1.76 22.07 14.15
CA GLU G 154 0.40 22.48 14.47
C GLU G 154 0.23 22.92 15.93
N ASP G 155 0.75 22.11 16.84
CA ASP G 155 0.52 22.31 18.25
C ASP G 155 1.29 23.51 18.78
N ASP H 1 36.26 18.48 2.15
CA ASP H 1 35.67 19.68 2.71
C ASP H 1 34.50 20.17 1.87
N ILE H 2 34.10 19.38 0.89
CA ILE H 2 32.98 19.73 0.05
C ILE H 2 31.72 19.47 0.87
N ILE H 3 31.63 18.24 1.38
CA ILE H 3 30.56 17.86 2.28
C ILE H 3 30.62 18.68 3.57
N ARG H 4 31.84 18.96 4.05
CA ARG H 4 32.02 19.76 5.26
C ARG H 4 31.56 21.21 5.12
N ASN H 5 31.85 21.84 3.99
CA ASN H 5 31.40 23.20 3.76
C ASN H 5 29.86 23.28 3.68
N ILE H 6 29.27 22.43 2.83
CA ILE H 6 27.82 22.38 2.67
C ILE H 6 27.10 22.13 4.02
N ALA H 7 27.57 21.14 4.76
CA ALA H 7 26.96 20.77 6.04
C ALA H 7 27.05 21.85 7.12
N ARG H 8 28.06 22.72 7.02
CA ARG H 8 28.25 23.79 8.01
C ARG H 8 27.35 25.02 7.76
N HIS H 9 27.28 25.49 6.51
CA HIS H 9 26.32 26.54 6.15
C HIS H 9 24.92 26.11 6.57
N LEU H 10 24.57 24.87 6.25
CA LEU H 10 23.25 24.35 6.57
C LEU H 10 23.06 24.26 8.08
N ALA H 11 24.15 24.01 8.80
CA ALA H 11 24.09 24.02 10.25
C ALA H 11 23.83 25.45 10.73
N GLN H 12 24.48 26.40 10.06
CA GLN H 12 24.34 27.83 10.40
C GLN H 12 22.91 28.28 10.15
N VAL H 13 22.27 27.70 9.16
CA VAL H 13 20.91 28.12 8.82
C VAL H 13 19.96 27.41 9.78
N GLY H 14 20.26 26.15 10.05
CA GLY H 14 19.49 25.37 10.98
C GLY H 14 19.53 25.98 12.37
N ASP H 15 20.70 26.44 12.78
CA ASP H 15 20.89 26.95 14.13
C ASP H 15 20.28 28.33 14.33
N SER H 16 20.29 29.13 13.29
CA SER H 16 19.72 30.47 13.34
C SER H 16 18.20 30.52 13.55
N MET H 17 17.54 29.37 13.52
CA MET H 17 16.07 29.35 13.55
C MET H 17 15.35 29.14 14.88
N ASP H 18 16.07 28.89 15.97
CA ASP H 18 15.39 28.65 17.24
C ASP H 18 14.94 29.95 17.90
N ALA I 1 -1.97 -11.01 -17.28
CA ALA I 1 -1.67 -11.51 -18.61
C ALA I 1 -1.52 -10.39 -19.62
N TYR I 2 -0.33 -9.81 -19.69
CA TYR I 2 -0.07 -8.72 -20.63
C TYR I 2 0.92 -9.15 -21.69
N SER I 3 0.55 -8.98 -22.96
CA SER I 3 1.47 -9.24 -24.06
C SER I 3 2.54 -8.15 -24.15
N THR I 4 3.66 -8.45 -24.81
CA THR I 4 4.71 -7.46 -25.03
C THR I 4 4.14 -6.29 -25.83
N ARG I 5 3.24 -6.62 -26.75
CA ARG I 5 2.53 -5.60 -27.51
C ARG I 5 1.83 -4.61 -26.60
N GLU I 6 1.04 -5.14 -25.70
CA GLU I 6 0.27 -4.34 -24.75
C GLU I 6 1.17 -3.43 -23.94
N ILE I 7 2.28 -3.94 -23.46
CA ILE I 7 3.15 -3.14 -22.61
C ILE I 7 3.87 -2.07 -23.43
N LEU I 8 4.33 -2.42 -24.62
CA LEU I 8 5.05 -1.45 -25.44
C LEU I 8 4.10 -0.35 -25.83
N LEU I 9 2.87 -0.74 -26.12
CA LEU I 9 1.85 0.21 -26.51
C LEU I 9 1.53 1.12 -25.33
N ALA I 10 1.34 0.50 -24.16
CA ALA I 10 1.08 1.21 -22.91
C ALA I 10 2.21 2.18 -22.60
N LEU I 11 3.44 1.75 -22.86
CA LEU I 11 4.60 2.59 -22.65
C LEU I 11 4.63 3.80 -23.57
N CYS I 12 4.30 3.60 -24.83
CA CYS I 12 4.31 4.72 -25.78
C CYS I 12 3.25 5.78 -25.50
N ILE I 13 2.06 5.36 -25.07
CA ILE I 13 1.01 6.31 -24.73
C ILE I 13 1.45 7.04 -23.47
N ARG I 14 1.88 6.27 -22.47
CA ARG I 14 2.45 6.83 -21.24
C ARG I 14 3.57 7.82 -21.57
N ASP I 15 4.46 7.47 -22.48
CA ASP I 15 5.55 8.39 -22.86
C ASP I 15 5.07 9.64 -23.61
N SER I 16 4.05 9.49 -24.45
CA SER I 16 3.45 10.65 -25.14
C SER I 16 2.95 11.70 -24.15
N ARG I 17 2.29 11.22 -23.11
CA ARG I 17 1.66 12.03 -22.09
C ARG I 17 2.59 12.80 -21.17
N VAL I 18 3.86 12.42 -21.10
CA VAL I 18 4.79 13.21 -20.29
C VAL I 18 5.64 14.08 -21.20
N HIS I 19 5.21 14.19 -22.45
CA HIS I 19 5.86 15.10 -23.38
C HIS I 19 4.84 16.00 -24.03
N GLY I 20 5.31 17.04 -24.71
CA GLY I 20 4.45 17.93 -25.47
C GLY I 20 3.28 18.46 -24.67
N ASN I 21 2.08 18.37 -25.23
CA ASN I 21 0.88 18.80 -24.53
C ASN I 21 0.14 17.64 -23.87
N GLY I 22 0.82 16.51 -23.72
CA GLY I 22 0.21 15.36 -23.07
C GLY I 22 -0.75 14.58 -23.94
N THR I 23 -1.05 15.13 -25.11
CA THR I 23 -1.98 14.51 -26.05
C THR I 23 -1.43 13.23 -26.67
N LEU I 24 -2.32 12.53 -27.38
CA LEU I 24 -2.05 11.26 -28.04
C LEU I 24 -2.24 11.31 -29.56
N HIS I 25 -1.21 10.91 -30.32
CA HIS I 25 -1.32 10.84 -31.79
C HIS I 25 -2.49 9.90 -32.10
N PRO I 26 -3.37 10.28 -33.05
CA PRO I 26 -4.52 9.46 -33.43
C PRO I 26 -4.13 8.00 -33.71
N VAL I 27 -2.99 7.81 -34.34
CA VAL I 27 -2.51 6.47 -34.65
C VAL I 27 -2.36 5.60 -33.38
N LEU I 28 -1.79 6.18 -32.32
CA LEU I 28 -1.64 5.48 -31.04
C LEU I 28 -2.98 5.26 -30.36
N GLU I 29 -3.83 6.28 -30.42
CA GLU I 29 -5.15 6.28 -29.80
C GLU I 29 -6.01 5.20 -30.42
N LEU I 30 -5.96 5.09 -31.74
CA LEU I 30 -6.65 4.03 -32.47
C LEU I 30 -6.12 2.65 -32.13
N ALA I 31 -4.80 2.55 -31.98
CA ALA I 31 -4.19 1.26 -31.67
C ALA I 31 -4.72 0.73 -30.33
N ALA I 32 -4.88 1.62 -29.35
CA ALA I 32 -5.44 1.22 -28.06
C ALA I 32 -6.88 0.73 -28.18
N ARG I 33 -7.60 1.19 -29.20
CA ARG I 33 -8.97 0.72 -29.39
C ARG I 33 -8.90 -0.66 -30.01
N GLU I 34 -7.91 -0.84 -30.88
CA GLU I 34 -7.85 -2.03 -31.73
C GLU I 34 -7.07 -3.22 -31.15
N THR I 35 -6.24 -3.00 -30.14
CA THR I 35 -5.43 -4.10 -29.65
C THR I 35 -6.29 -5.14 -28.88
N PRO I 36 -7.14 -4.72 -27.93
CA PRO I 36 -7.33 -3.45 -27.22
C PRO I 36 -6.45 -3.42 -25.97
N LEU I 37 -5.79 -2.30 -25.72
CA LEU I 37 -4.93 -2.15 -24.56
C LEU I 37 -5.72 -2.45 -23.29
N ARG I 38 -5.29 -3.47 -22.55
CA ARG I 38 -5.96 -3.88 -21.32
C ARG I 38 -5.12 -3.42 -20.13
N LEU I 39 -3.83 -3.26 -20.38
CA LEU I 39 -2.92 -2.69 -19.39
C LEU I 39 -3.06 -1.17 -19.40
N SER I 40 -3.44 -0.57 -18.28
CA SER I 40 -3.56 0.89 -18.25
C SER I 40 -2.16 1.49 -18.34
N PRO I 41 -1.97 2.48 -19.22
CA PRO I 41 -0.63 3.08 -19.28
C PRO I 41 -0.32 3.89 -18.02
N GLU I 42 -1.32 3.99 -17.15
CA GLU I 42 -1.14 4.65 -15.85
C GLU I 42 -0.94 3.61 -14.76
N ASP I 43 -0.89 2.34 -15.16
CA ASP I 43 -0.61 1.23 -14.25
C ASP I 43 0.86 1.31 -13.81
N THR I 44 1.09 1.13 -12.51
CA THR I 44 2.41 1.24 -11.88
C THR I 44 3.57 0.62 -12.65
N VAL I 45 3.35 -0.57 -13.18
CA VAL I 45 4.40 -1.27 -13.90
C VAL I 45 4.84 -0.51 -15.14
N VAL I 46 3.89 0.21 -15.76
CA VAL I 46 4.20 0.93 -16.98
C VAL I 46 5.05 2.13 -16.61
N LEU I 47 4.65 2.76 -15.50
CA LEU I 47 5.43 3.86 -14.91
C LEU I 47 6.85 3.39 -14.62
N ARG I 48 6.98 2.21 -13.99
CA ARG I 48 8.29 1.67 -13.66
C ARG I 48 9.11 1.44 -14.92
N TYR I 49 8.53 0.71 -15.87
CA TYR I 49 9.23 0.43 -17.11
C TYR I 49 9.56 1.71 -17.84
N HIS I 50 8.68 2.72 -17.78
CA HIS I 50 8.95 3.95 -18.55
C HIS I 50 10.16 4.73 -18.07
N VAL I 51 10.28 4.95 -16.75
CA VAL I 51 11.42 5.69 -16.23
C VAL I 51 12.71 4.94 -16.55
N LEU I 52 12.66 3.61 -16.41
CA LEU I 52 13.80 2.77 -16.68
C LEU I 52 14.31 2.91 -18.09
N LEU I 53 13.39 2.76 -19.04
CA LEU I 53 13.72 2.79 -20.45
C LEU I 53 14.22 4.17 -20.87
N GLU I 54 13.67 5.22 -20.26
CA GLU I 54 14.10 6.57 -20.60
C GLU I 54 15.54 6.86 -20.20
N GLU I 55 15.93 6.35 -19.02
CA GLU I 55 17.32 6.45 -18.58
C GLU I 55 18.29 5.74 -19.54
N ILE I 56 17.87 4.61 -20.09
CA ILE I 56 18.68 3.88 -21.05
C ILE I 56 18.88 4.72 -22.31
N ILE I 57 17.78 5.32 -22.77
CA ILE I 57 17.77 6.21 -23.93
C ILE I 57 18.75 7.35 -23.67
N GLU I 58 18.70 7.90 -22.46
CA GLU I 58 19.59 8.99 -22.06
C GLU I 58 21.09 8.66 -22.14
N ARG I 59 21.50 7.52 -21.56
CA ARG I 59 22.92 7.14 -21.62
C ARG I 59 23.34 6.91 -23.06
N ASN I 60 22.36 6.61 -23.90
CA ASN I 60 22.64 6.21 -25.26
C ASN I 60 21.97 7.14 -26.24
N SER I 61 21.89 8.42 -25.86
CA SER I 61 21.16 9.39 -26.64
C SER I 61 21.81 9.53 -28.02
N GLU I 62 23.13 9.56 -28.02
CA GLU I 62 23.89 9.73 -29.25
C GLU I 62 23.73 8.50 -30.14
N THR I 63 23.85 7.33 -29.53
CA THR I 63 23.64 6.07 -30.22
C THR I 63 22.25 6.00 -30.83
N PHE I 64 21.25 6.27 -30.00
CA PHE I 64 19.86 6.21 -30.44
C PHE I 64 19.55 7.25 -31.52
N THR I 65 20.17 8.43 -31.42
CA THR I 65 19.97 9.47 -32.41
C THR I 65 20.46 9.07 -33.79
N GLU I 66 21.68 8.56 -33.91
CA GLU I 66 22.19 8.16 -35.23
C GLU I 66 21.48 6.91 -35.76
N THR I 67 21.28 5.92 -34.88
CA THR I 67 20.63 4.69 -35.31
C THR I 67 19.20 4.95 -35.76
N TRP I 68 18.46 5.77 -35.03
CA TRP I 68 17.10 6.07 -35.46
C TRP I 68 17.08 6.94 -36.73
N ASN I 69 17.91 7.99 -36.76
CA ASN I 69 17.95 8.90 -37.90
C ASN I 69 18.41 8.22 -39.19
N ARG I 70 19.31 7.24 -39.06
CA ARG I 70 19.77 6.48 -40.21
C ARG I 70 18.65 5.55 -40.68
N PHE I 71 17.93 4.98 -39.71
CA PHE I 71 16.85 4.04 -39.98
C PHE I 71 15.70 4.64 -40.76
N ILE I 72 15.19 5.77 -40.29
CA ILE I 72 13.96 6.35 -40.85
C ILE I 72 14.16 6.97 -42.23
N THR I 73 15.39 7.35 -42.55
CA THR I 73 15.67 8.02 -43.81
C THR I 73 15.92 7.06 -44.97
N HIS I 74 16.08 5.78 -44.65
CA HIS I 74 16.41 4.78 -45.67
C HIS I 74 15.38 3.67 -45.83
N THR I 75 14.30 3.70 -45.07
CA THR I 75 13.31 2.63 -45.14
C THR I 75 12.47 2.62 -46.42
N GLU I 76 12.06 1.42 -46.79
CA GLU I 76 11.22 1.19 -47.96
C GLU I 76 9.94 0.53 -47.52
N HIS I 77 9.89 0.25 -46.22
CA HIS I 77 8.74 -0.37 -45.58
C HIS I 77 8.93 -0.31 -44.08
N VAL I 78 8.51 0.80 -43.48
CA VAL I 78 8.88 1.11 -42.10
C VAL I 78 8.35 0.04 -41.18
N ASP I 79 7.22 -0.56 -41.52
CA ASP I 79 6.68 -1.64 -40.70
C ASP I 79 7.56 -2.89 -40.78
N LEU I 80 8.00 -3.25 -41.98
CA LEU I 80 8.84 -4.42 -42.19
C LEU I 80 10.27 -4.26 -41.64
N ASP I 81 10.84 -3.06 -41.74
CA ASP I 81 12.18 -2.80 -41.22
C ASP I 81 12.22 -2.83 -39.69
N PHE I 82 11.09 -2.50 -39.06
CA PHE I 82 10.98 -2.70 -37.61
C PHE I 82 11.09 -4.20 -37.30
N ASN I 83 10.44 -5.01 -38.14
CA ASN I 83 10.45 -6.47 -38.04
C ASN I 83 11.80 -7.11 -38.35
N SER I 84 12.51 -6.51 -39.30
CA SER I 84 13.76 -7.09 -39.78
C SER I 84 14.86 -7.16 -38.75
N VAL I 85 15.08 -6.08 -37.98
CA VAL I 85 16.11 -6.11 -36.95
C VAL I 85 15.84 -7.18 -35.90
N PHE I 86 14.59 -7.24 -35.43
CA PHE I 86 14.15 -8.24 -34.47
C PHE I 86 14.44 -9.68 -34.93
N MET I 104 13.16 -2.40 -26.84
CA MET I 104 12.06 -1.62 -26.29
C MET I 104 12.38 -0.14 -26.20
N ALA I 105 13.54 0.17 -25.60
CA ALA I 105 13.98 1.54 -25.44
C ALA I 105 14.13 2.26 -26.78
N TRP I 106 14.72 1.56 -27.74
CA TRP I 106 14.92 2.10 -29.07
C TRP I 106 13.61 2.44 -29.79
N CYS I 107 12.58 1.63 -29.54
CA CYS I 107 11.24 1.84 -30.09
C CYS I 107 10.51 3.01 -29.46
N MET I 108 10.56 3.09 -28.13
CA MET I 108 9.93 4.19 -27.41
C MET I 108 10.57 5.49 -27.87
N HIS I 109 11.87 5.46 -28.07
CA HIS I 109 12.60 6.57 -28.65
C HIS I 109 12.12 6.83 -30.08
N ALA I 110 11.74 5.76 -30.79
CA ALA I 110 11.28 5.91 -32.16
C ALA I 110 9.96 6.65 -32.25
N CYS I 111 9.00 6.14 -31.49
CA CYS I 111 7.65 6.66 -31.48
C CYS I 111 7.65 8.09 -31.00
N ARG I 112 8.43 8.35 -29.95
CA ARG I 112 8.59 9.69 -29.42
C ARG I 112 9.22 10.63 -30.45
N THR I 113 10.21 10.15 -31.17
CA THR I 113 10.91 11.00 -32.11
C THR I 113 9.95 11.40 -33.21
N LEU I 114 9.12 10.45 -33.61
CA LEU I 114 8.12 10.69 -34.64
C LEU I 114 6.97 11.59 -34.14
N CYS I 115 6.31 11.17 -33.07
CA CYS I 115 5.11 11.87 -32.60
C CYS I 115 5.39 13.26 -32.01
N CYS I 116 6.65 13.58 -31.74
CA CYS I 116 6.97 14.92 -31.25
C CYS I 116 7.38 15.80 -32.42
N ASN I 117 7.34 15.22 -33.61
CA ASN I 117 7.59 15.97 -34.83
C ASN I 117 6.30 16.19 -35.59
N GLN I 118 5.83 17.43 -35.63
CA GLN I 118 4.53 17.74 -36.20
C GLN I 118 4.47 17.49 -37.71
N SER I 119 5.64 17.35 -38.33
CA SER I 119 5.72 17.13 -39.77
C SER I 119 5.66 15.65 -40.18
N THR I 120 5.63 14.75 -39.21
CA THR I 120 5.58 13.33 -39.54
C THR I 120 4.23 12.93 -40.12
N PRO I 121 4.25 12.40 -41.35
CA PRO I 121 3.07 11.86 -42.03
C PRO I 121 2.38 10.78 -41.22
N TYR I 122 1.06 10.77 -41.23
CA TYR I 122 0.32 9.78 -40.43
C TYR I 122 0.73 8.37 -40.79
N TYR I 123 0.95 8.08 -42.08
CA TYR I 123 1.22 6.72 -42.49
C TYR I 123 2.55 6.26 -41.89
N VAL I 124 3.48 7.20 -41.73
CA VAL I 124 4.74 6.89 -41.08
C VAL I 124 4.48 6.53 -39.61
N VAL I 125 3.76 7.38 -38.90
CA VAL I 125 3.34 7.05 -37.54
C VAL I 125 2.51 5.76 -37.56
N ASP I 126 1.63 5.64 -38.56
CA ASP I 126 0.79 4.45 -38.74
C ASP I 126 1.60 3.14 -38.83
N LEU I 127 2.54 3.09 -39.76
CA LEU I 127 3.34 1.88 -39.99
C LEU I 127 4.44 1.61 -38.94
N SER I 128 5.11 2.66 -38.46
CA SER I 128 6.15 2.50 -37.43
C SER I 128 5.58 1.95 -36.14
N VAL I 129 4.40 2.42 -35.77
CA VAL I 129 3.77 1.91 -34.57
C VAL I 129 3.32 0.48 -34.86
N ARG I 130 2.79 0.25 -36.06
CA ARG I 130 2.40 -1.09 -36.50
C ARG I 130 3.62 -2.02 -36.63
N GLY I 131 4.71 -1.51 -37.22
CA GLY I 131 5.91 -2.31 -37.35
C GLY I 131 6.50 -2.79 -36.03
N MET I 132 6.72 -1.85 -35.11
CA MET I 132 7.34 -2.18 -33.83
C MET I 132 6.43 -3.05 -32.95
N LEU I 133 5.11 -2.89 -33.06
CA LEU I 133 4.21 -3.68 -32.25
C LEU I 133 4.14 -5.14 -32.68
N GLU I 134 4.16 -5.39 -33.99
CA GLU I 134 4.11 -6.76 -34.48
C GLU I 134 5.43 -7.50 -34.22
N ALA I 135 6.55 -6.79 -34.39
CA ALA I 135 7.87 -7.35 -34.14
C ALA I 135 8.02 -7.81 -32.69
N SER I 136 7.41 -7.08 -31.76
CA SER I 136 7.55 -7.36 -30.34
C SER I 136 6.73 -8.55 -29.85
N GLU I 137 5.82 -9.04 -30.70
CA GLU I 137 5.05 -10.24 -30.36
C GLU I 137 5.92 -11.49 -30.20
N GLY I 138 7.03 -11.53 -30.94
CA GLY I 138 7.95 -12.65 -30.87
C GLY I 138 8.56 -12.95 -29.51
N LEU I 139 8.57 -11.96 -28.63
CA LEU I 139 9.16 -12.11 -27.32
C LEU I 139 8.18 -12.72 -26.31
N ASP I 140 6.90 -12.80 -26.70
CA ASP I 140 5.82 -13.20 -25.80
C ASP I 140 6.05 -14.55 -25.16
N GLY I 141 6.42 -15.53 -25.99
CA GLY I 141 6.73 -16.87 -25.51
C GLY I 141 7.88 -16.82 -24.52
N TRP I 142 8.92 -16.07 -24.88
CA TRP I 142 10.10 -15.96 -24.04
C TRP I 142 9.74 -15.33 -22.69
N ILE I 143 9.05 -14.19 -22.71
CA ILE I 143 8.67 -13.52 -21.46
C ILE I 143 7.66 -14.37 -20.71
N HIS I 144 6.90 -15.18 -21.44
CA HIS I 144 6.01 -16.15 -20.81
C HIS I 144 6.87 -17.12 -20.00
N GLN I 145 7.99 -17.53 -20.59
CA GLN I 145 8.97 -18.34 -19.90
C GLN I 145 9.61 -17.60 -18.73
N GLN I 146 9.61 -16.27 -18.77
CA GLN I 146 10.29 -15.48 -17.74
C GLN I 146 9.41 -15.19 -16.54
N GLY I 147 8.15 -15.60 -16.60
CA GLY I 147 7.25 -15.44 -15.47
C GLY I 147 6.33 -14.26 -15.73
N GLY I 148 6.50 -13.67 -16.91
CA GLY I 148 5.71 -12.53 -17.31
C GLY I 148 6.51 -11.25 -17.18
N TRP I 149 6.03 -10.20 -17.84
CA TRP I 149 6.68 -8.90 -17.80
C TRP I 149 6.67 -8.35 -16.38
N SER I 150 5.57 -8.60 -15.66
CA SER I 150 5.43 -8.16 -14.28
C SER I 150 6.50 -8.78 -13.39
N THR I 151 6.73 -10.06 -13.58
CA THR I 151 7.69 -10.80 -12.77
C THR I 151 9.11 -10.40 -13.14
N LEU I 152 9.31 -10.15 -14.42
CA LEU I 152 10.62 -9.91 -15.00
C LEU I 152 11.35 -8.70 -14.42
N ILE I 153 10.62 -7.70 -13.96
CA ILE I 153 11.22 -6.41 -13.68
C ILE I 153 11.67 -6.27 -12.23
N GLU I 154 11.02 -6.98 -11.32
CA GLU I 154 11.33 -6.83 -9.90
C GLU I 154 12.57 -7.64 -9.55
N ASP I 155 12.65 -8.84 -10.10
CA ASP I 155 13.70 -9.79 -9.75
C ASP I 155 15.05 -9.33 -10.27
N ILE J 2 23.32 -2.95 -44.39
CA ILE J 2 22.99 -1.60 -43.92
C ILE J 2 22.20 -1.69 -42.61
N ILE J 3 21.16 -2.51 -42.60
CA ILE J 3 20.39 -2.79 -41.38
C ILE J 3 21.30 -3.45 -40.36
N ARG J 4 22.23 -4.23 -40.89
CA ARG J 4 23.17 -4.98 -40.11
C ARG J 4 24.01 -4.04 -39.26
N ASN J 5 24.42 -2.92 -39.85
CA ASN J 5 25.25 -1.94 -39.17
C ASN J 5 24.58 -1.30 -37.96
N ILE J 6 23.40 -0.71 -38.16
CA ILE J 6 22.66 -0.13 -37.06
C ILE J 6 22.38 -1.17 -35.97
N ALA J 7 21.98 -2.37 -36.37
CA ALA J 7 21.60 -3.42 -35.43
C ALA J 7 22.74 -3.80 -34.49
N ARG J 8 23.98 -3.60 -34.94
CA ARG J 8 25.15 -3.90 -34.13
C ARG J 8 25.44 -2.80 -33.10
N HIS J 9 25.22 -1.55 -33.49
CA HIS J 9 25.31 -0.43 -32.55
C HIS J 9 24.59 -0.70 -31.23
N LEU J 10 23.41 -1.33 -31.32
CA LEU J 10 22.63 -1.62 -30.12
C LEU J 10 23.35 -2.61 -29.22
N ALA J 11 24.10 -3.52 -29.84
CA ALA J 11 24.94 -4.47 -29.13
C ALA J 11 26.11 -3.82 -28.39
N GLN J 12 26.67 -2.76 -28.98
CA GLN J 12 27.87 -2.11 -28.42
C GLN J 12 27.69 -1.58 -27.00
N VAL J 13 26.51 -1.08 -26.69
CA VAL J 13 26.31 -0.46 -25.39
C VAL J 13 25.17 -1.14 -24.63
N GLY J 14 24.12 -1.52 -25.35
CA GLY J 14 22.99 -2.20 -24.75
C GLY J 14 23.39 -3.49 -24.07
N ASP J 15 24.27 -4.26 -24.71
CA ASP J 15 24.70 -5.53 -24.17
C ASP J 15 25.77 -5.34 -23.10
N SER J 16 26.62 -4.33 -23.30
CA SER J 16 27.72 -4.02 -22.37
C SER J 16 27.22 -3.53 -21.02
N MET J 17 25.91 -3.35 -20.90
CA MET J 17 25.31 -2.76 -19.71
C MET J 17 24.82 -3.84 -18.72
N ASP J 18 24.87 -5.10 -19.13
CA ASP J 18 24.40 -6.20 -18.28
C ASP J 18 25.45 -6.61 -17.26
#